data_233D
# 
_entry.id   233D 
# 
_audit_conform.dict_name       mmcif_pdbx.dic 
_audit_conform.dict_version    5.387 
_audit_conform.dict_location   http://mmcif.pdb.org/dictionaries/ascii/mmcif_pdbx.dic 
# 
loop_
_database_2.database_id 
_database_2.database_code 
_database_2.pdbx_database_accession 
_database_2.pdbx_DOI 
PDB   233D         pdb_0000233d 10.2210/pdb233d/pdb 
RCSB  BDLS67       ?            ?                   
WWPDB D_1000177617 ?            ?                   
# 
loop_
_pdbx_audit_revision_history.ordinal 
_pdbx_audit_revision_history.data_content_type 
_pdbx_audit_revision_history.major_revision 
_pdbx_audit_revision_history.minor_revision 
_pdbx_audit_revision_history.revision_date 
1 'Structure model' 1 0 1996-06-21 
2 'Structure model' 1 1 2008-05-22 
3 'Structure model' 1 2 2011-07-13 
4 'Structure model' 1 3 2024-02-14 
# 
_pdbx_audit_revision_details.ordinal             1 
_pdbx_audit_revision_details.revision_ordinal    1 
_pdbx_audit_revision_details.data_content_type   'Structure model' 
_pdbx_audit_revision_details.provider            repository 
_pdbx_audit_revision_details.type                'Initial release' 
_pdbx_audit_revision_details.description         ? 
_pdbx_audit_revision_details.details             ? 
# 
loop_
_pdbx_audit_revision_group.ordinal 
_pdbx_audit_revision_group.revision_ordinal 
_pdbx_audit_revision_group.data_content_type 
_pdbx_audit_revision_group.group 
1 2 'Structure model' 'Version format compliance' 
2 3 'Structure model' 'Version format compliance' 
3 4 'Structure model' 'Data collection'           
4 4 'Structure model' 'Database references'       
5 4 'Structure model' 'Derived calculations'      
# 
loop_
_pdbx_audit_revision_category.ordinal 
_pdbx_audit_revision_category.revision_ordinal 
_pdbx_audit_revision_category.data_content_type 
_pdbx_audit_revision_category.category 
1 4 'Structure model' chem_comp_atom 
2 4 'Structure model' chem_comp_bond 
3 4 'Structure model' database_2     
4 4 'Structure model' struct_conn    
# 
loop_
_pdbx_audit_revision_item.ordinal 
_pdbx_audit_revision_item.revision_ordinal 
_pdbx_audit_revision_item.data_content_type 
_pdbx_audit_revision_item.item 
1 4 'Structure model' '_database_2.pdbx_DOI'                
2 4 'Structure model' '_database_2.pdbx_database_accession' 
3 4 'Structure model' '_struct_conn.pdbx_leaving_atom_flag' 
# 
_pdbx_database_status.status_code                     REL 
_pdbx_database_status.entry_id                        233D 
_pdbx_database_status.recvd_initial_deposition_date   1995-10-16 
_pdbx_database_status.deposit_site                    BNL 
_pdbx_database_status.process_site                    NDB 
_pdbx_database_status.status_code_sf                  REL 
_pdbx_database_status.status_code_mr                  ? 
_pdbx_database_status.SG_entry                        ? 
_pdbx_database_status.pdb_format_compatible           Y 
_pdbx_database_status.status_code_cs                  ? 
_pdbx_database_status.status_code_nmr_data            ? 
_pdbx_database_status.methods_development_category    ? 
# 
loop_
_audit_author.name 
_audit_author.pdbx_ordinal 
'Boggon, T.J.'        1 
'Hancox, E.L.'        2 
'McAuley-Hecht, K.E.' 3 
'Connolly, B.A.'      4 
'Hunter, W.N.'        5 
'Brown, T.'           6 
'Walker, R.T.'        7 
'Leonard, G.A.'       8 
# 
_citation.id                        primary 
_citation.title                     
;The crystal structure analysis of d(CGCGAASSCGCG)2, a synthetic DNA dodecamer duplex containing four 4'-thio-2'-deoxythymidine nucleotides.
;
_citation.journal_abbrev            'Nucleic Acids Res.' 
_citation.journal_volume            24 
_citation.page_first                951 
_citation.page_last                 961 
_citation.year                      1996 
_citation.journal_id_ASTM           NARHAD 
_citation.country                   UK 
_citation.journal_id_ISSN           0305-1048 
_citation.journal_id_CSD            0389 
_citation.book_publisher            ? 
_citation.pdbx_database_id_PubMed   8600465 
_citation.pdbx_database_id_DOI      10.1093/nar/24.5.951 
# 
loop_
_citation_author.citation_id 
_citation_author.name 
_citation_author.ordinal 
_citation_author.identifier_ORCID 
primary 'Boggon, T.J.'        1 ? 
primary 'Hancox, E.L.'        2 ? 
primary 'McAuley-Hecht, K.E.' 3 ? 
primary 'Connolly, B.A.'      4 ? 
primary 'Hunter, W.N.'        5 ? 
primary 'Brown, T.'           6 ? 
primary 'Walker, R.T.'        7 ? 
primary 'Leonard, G.A.'       8 ? 
# 
loop_
_entity.id 
_entity.type 
_entity.src_method 
_entity.pdbx_description 
_entity.formula_weight 
_entity.pdbx_number_of_molecules 
_entity.pdbx_ec 
_entity.pdbx_mutation 
_entity.pdbx_fragment 
_entity.details 
1 polymer syn 
;DNA (5'-D(*CP*GP*CP*GP*AP*AP*)-D(*(T49)P*(T49)P*)-D(*CP*GP*CP*G)-3')
;
3695.524 2  ? ? ? ? 
2 water   nat water                                                                  18.015   67 ? ? ? ? 
# 
_entity_poly.entity_id                      1 
_entity_poly.type                           polydeoxyribonucleotide 
_entity_poly.nstd_linkage                   no 
_entity_poly.nstd_monomer                   yes 
_entity_poly.pdbx_seq_one_letter_code       '(DC)(DG)(DC)(DG)(DA)(DA)(T49)(T49)(DC)(DG)(DC)(DG)' 
_entity_poly.pdbx_seq_one_letter_code_can   CGCGAATTCGCG 
_entity_poly.pdbx_strand_id                 A,B 
_entity_poly.pdbx_target_identifier         ? 
# 
_pdbx_entity_nonpoly.entity_id   2 
_pdbx_entity_nonpoly.name        water 
_pdbx_entity_nonpoly.comp_id     HOH 
# 
loop_
_entity_poly_seq.entity_id 
_entity_poly_seq.num 
_entity_poly_seq.mon_id 
_entity_poly_seq.hetero 
1 1  DC  n 
1 2  DG  n 
1 3  DC  n 
1 4  DG  n 
1 5  DA  n 
1 6  DA  n 
1 7  T49 n 
1 8  T49 n 
1 9  DC  n 
1 10 DG  n 
1 11 DC  n 
1 12 DG  n 
# 
loop_
_chem_comp.id 
_chem_comp.type 
_chem_comp.mon_nstd_flag 
_chem_comp.name 
_chem_comp.pdbx_synonyms 
_chem_comp.formula 
_chem_comp.formula_weight 
DA  'DNA linking' y "2'-DEOXYADENOSINE-5'-MONOPHOSPHATE"    ? 'C10 H14 N5 O6 P'   331.222 
DC  'DNA linking' y "2'-DEOXYCYTIDINE-5'-MONOPHOSPHATE"     ? 'C9 H14 N3 O7 P'    307.197 
DG  'DNA linking' y "2'-DEOXYGUANOSINE-5'-MONOPHOSPHATE"    ? 'C10 H14 N5 O7 P'   347.221 
HOH non-polymer   . WATER                                   ? 'H2 O'              18.015  
T49 'DNA linking' n 
;S4'-2'DEOXYTHYMIDINE 5'-MONOPHOSPHATE
;
? 'C10 H15 N2 O7 P S' 338.274 
# 
loop_
_pdbx_poly_seq_scheme.asym_id 
_pdbx_poly_seq_scheme.entity_id 
_pdbx_poly_seq_scheme.seq_id 
_pdbx_poly_seq_scheme.mon_id 
_pdbx_poly_seq_scheme.ndb_seq_num 
_pdbx_poly_seq_scheme.pdb_seq_num 
_pdbx_poly_seq_scheme.auth_seq_num 
_pdbx_poly_seq_scheme.pdb_mon_id 
_pdbx_poly_seq_scheme.auth_mon_id 
_pdbx_poly_seq_scheme.pdb_strand_id 
_pdbx_poly_seq_scheme.pdb_ins_code 
_pdbx_poly_seq_scheme.hetero 
A 1 1  DC  1  1  1  DC  DC  A . n 
A 1 2  DG  2  2  2  DG  DG  A . n 
A 1 3  DC  3  3  3  DC  DC  A . n 
A 1 4  DG  4  4  4  DG  DG  A . n 
A 1 5  DA  5  5  5  DA  DA  A . n 
A 1 6  DA  6  6  6  DA  DA  A . n 
A 1 7  T49 7  7  7  T49 T49 A . n 
A 1 8  T49 8  8  8  T49 T49 A . n 
A 1 9  DC  9  9  9  DC  DC  A . n 
A 1 10 DG  10 10 10 DG  DG  A . n 
A 1 11 DC  11 11 11 DC  DC  A . n 
A 1 12 DG  12 12 12 DG  DG  A . n 
B 1 1  DC  1  13 13 DC  DC  B . n 
B 1 2  DG  2  14 14 DG  DG  B . n 
B 1 3  DC  3  15 15 DC  DC  B . n 
B 1 4  DG  4  16 16 DG  DG  B . n 
B 1 5  DA  5  17 17 DA  DA  B . n 
B 1 6  DA  6  18 18 DA  DA  B . n 
B 1 7  T49 7  19 19 T49 T49 B . n 
B 1 8  T49 8  20 20 T49 T49 B . n 
B 1 9  DC  9  21 21 DC  DC  B . n 
B 1 10 DG  10 22 22 DG  DG  B . n 
B 1 11 DC  11 23 23 DC  DC  B . n 
B 1 12 DG  12 24 24 DG  DG  B . n 
# 
loop_
_pdbx_nonpoly_scheme.asym_id 
_pdbx_nonpoly_scheme.entity_id 
_pdbx_nonpoly_scheme.mon_id 
_pdbx_nonpoly_scheme.ndb_seq_num 
_pdbx_nonpoly_scheme.pdb_seq_num 
_pdbx_nonpoly_scheme.auth_seq_num 
_pdbx_nonpoly_scheme.pdb_mon_id 
_pdbx_nonpoly_scheme.auth_mon_id 
_pdbx_nonpoly_scheme.pdb_strand_id 
_pdbx_nonpoly_scheme.pdb_ins_code 
C 2 HOH 1  25 25 HOH HOH A . 
C 2 HOH 2  28 28 HOH HOH A . 
C 2 HOH 3  30 30 HOH HOH A . 
C 2 HOH 4  32 32 HOH HOH A . 
C 2 HOH 5  33 33 HOH HOH A . 
C 2 HOH 6  34 34 HOH HOH A . 
C 2 HOH 7  37 37 HOH HOH A . 
C 2 HOH 8  42 42 HOH HOH A . 
C 2 HOH 9  43 43 HOH HOH A . 
C 2 HOH 10 44 44 HOH HOH A . 
C 2 HOH 11 46 46 HOH HOH A . 
C 2 HOH 12 47 47 HOH HOH A . 
C 2 HOH 13 48 48 HOH HOH A . 
C 2 HOH 14 49 49 HOH HOH A . 
C 2 HOH 15 50 50 HOH HOH A . 
C 2 HOH 16 51 51 HOH HOH A . 
C 2 HOH 17 52 52 HOH HOH A . 
C 2 HOH 18 54 54 HOH HOH A . 
C 2 HOH 19 55 55 HOH HOH A . 
C 2 HOH 20 62 62 HOH HOH A . 
C 2 HOH 21 63 63 HOH HOH A . 
C 2 HOH 22 67 67 HOH HOH A . 
C 2 HOH 23 68 68 HOH HOH A . 
C 2 HOH 24 73 73 HOH HOH A . 
C 2 HOH 25 76 76 HOH HOH A . 
C 2 HOH 26 77 77 HOH HOH A . 
C 2 HOH 27 78 78 HOH HOH A . 
C 2 HOH 28 84 84 HOH HOH A . 
C 2 HOH 29 85 85 HOH HOH A . 
C 2 HOH 30 87 87 HOH HOH A . 
C 2 HOH 31 88 88 HOH HOH A . 
C 2 HOH 32 90 90 HOH HOH A . 
C 2 HOH 33 91 91 HOH HOH A . 
D 2 HOH 1  26 26 HOH HOH B . 
D 2 HOH 2  27 27 HOH HOH B . 
D 2 HOH 3  29 29 HOH HOH B . 
D 2 HOH 4  31 31 HOH HOH B . 
D 2 HOH 5  35 35 HOH HOH B . 
D 2 HOH 6  36 36 HOH HOH B . 
D 2 HOH 7  38 38 HOH HOH B . 
D 2 HOH 8  39 39 HOH HOH B . 
D 2 HOH 9  40 40 HOH HOH B . 
D 2 HOH 10 41 41 HOH HOH B . 
D 2 HOH 11 45 45 HOH HOH B . 
D 2 HOH 12 53 53 HOH HOH B . 
D 2 HOH 13 56 56 HOH HOH B . 
D 2 HOH 14 57 57 HOH HOH B . 
D 2 HOH 15 58 58 HOH HOH B . 
D 2 HOH 16 59 59 HOH HOH B . 
D 2 HOH 17 60 60 HOH HOH B . 
D 2 HOH 18 61 61 HOH HOH B . 
D 2 HOH 19 64 64 HOH HOH B . 
D 2 HOH 20 65 65 HOH HOH B . 
D 2 HOH 21 66 66 HOH HOH B . 
D 2 HOH 22 69 69 HOH HOH B . 
D 2 HOH 23 70 70 HOH HOH B . 
D 2 HOH 24 71 71 HOH HOH B . 
D 2 HOH 25 72 72 HOH HOH B . 
D 2 HOH 26 74 74 HOH HOH B . 
D 2 HOH 27 75 75 HOH HOH B . 
D 2 HOH 28 79 79 HOH HOH B . 
D 2 HOH 29 80 80 HOH HOH B . 
D 2 HOH 30 81 81 HOH HOH B . 
D 2 HOH 31 82 82 HOH HOH B . 
D 2 HOH 32 83 83 HOH HOH B . 
D 2 HOH 33 86 86 HOH HOH B . 
D 2 HOH 34 89 89 HOH HOH B . 
# 
_software.name             X-PLOR 
_software.classification   refinement 
_software.version          . 
_software.citation_id      ? 
_software.pdbx_ordinal     1 
# 
_cell.entry_id           233D 
_cell.length_a           24.993 
_cell.length_b           40.364 
_cell.length_c           65.993 
_cell.angle_alpha        90.00 
_cell.angle_beta         90.00 
_cell.angle_gamma        90.00 
_cell.Z_PDB              8 
_cell.pdbx_unique_axis   ? 
_cell.length_a_esd       ? 
_cell.length_b_esd       ? 
_cell.length_c_esd       ? 
_cell.angle_alpha_esd    ? 
_cell.angle_beta_esd     ? 
_cell.angle_gamma_esd    ? 
# 
_symmetry.entry_id                         233D 
_symmetry.space_group_name_H-M             'P 21 21 21' 
_symmetry.pdbx_full_space_group_name_H-M   ? 
_symmetry.cell_setting                     ? 
_symmetry.Int_Tables_number                19 
_symmetry.space_group_name_Hall            ? 
# 
_exptl.entry_id          233D 
_exptl.method            'X-RAY DIFFRACTION' 
_exptl.crystals_number   ? 
# 
_exptl_crystal.id                    1 
_exptl_crystal.density_meas          ? 
_exptl_crystal.density_percent_sol   45.38 
_exptl_crystal.density_Matthews      2.25 
_exptl_crystal.description           ? 
_exptl_crystal.F_000                 ? 
_exptl_crystal.preparation           ? 
# 
_exptl_crystal_grow.crystal_id      1 
_exptl_crystal_grow.method          'VAPOR DIFFUSION, SITTING DROP' 
_exptl_crystal_grow.temp            ? 
_exptl_crystal_grow.temp_details    ? 
_exptl_crystal_grow.pH              6.00 
_exptl_crystal_grow.pdbx_details    'pH 6.00, VAPOR DIFFUSION, SITTING DROP' 
_exptl_crystal_grow.pdbx_pH_range   ? 
# 
loop_
_exptl_crystal_grow_comp.crystal_id 
_exptl_crystal_grow_comp.id 
_exptl_crystal_grow_comp.sol_id 
_exptl_crystal_grow_comp.name 
_exptl_crystal_grow_comp.volume 
_exptl_crystal_grow_comp.conc 
_exptl_crystal_grow_comp.details 
1 1 1 WATER           ? ? ? 
1 2 1 MPD             ? ? ? 
1 3 1 'NA CACODYLATE' ? ? ? 
1 4 1 MGCL2           ? ? ? 
1 5 1 SPERMINE_HCL    ? ? ? 
1 6 2 WATER           ? ? ? 
1 7 2 MPD             ? ? ? 
# 
_diffrn.id                     1 
_diffrn.crystal_id             1 
_diffrn.ambient_temp           ? 
_diffrn.ambient_temp_details   ? 
# 
_diffrn_detector.diffrn_id              1 
_diffrn_detector.detector               'IMAGE PLATE' 
_diffrn_detector.type                   'RIGAKU RAXIS II' 
_diffrn_detector.pdbx_collection_date   ? 
_diffrn_detector.details                ? 
# 
_diffrn_radiation.diffrn_id                        1 
_diffrn_radiation.wavelength_id                    1 
_diffrn_radiation.pdbx_monochromatic_or_laue_m_l   M 
_diffrn_radiation.monochromator                    ? 
_diffrn_radiation.pdbx_diffrn_protocol             ? 
_diffrn_radiation.pdbx_scattering_type             x-ray 
# 
_diffrn_radiation_wavelength.id           1 
_diffrn_radiation_wavelength.wavelength   . 
_diffrn_radiation_wavelength.wt           1.0 
# 
_diffrn_source.diffrn_id                   1 
_diffrn_source.source                      'ROTATING ANODE' 
_diffrn_source.type                        'RIGAKU RU200' 
_diffrn_source.pdbx_synchrotron_site       ? 
_diffrn_source.pdbx_synchrotron_beamline   ? 
_diffrn_source.pdbx_wavelength             ? 
_diffrn_source.pdbx_wavelength_list        ? 
# 
_reflns.entry_id                     233D 
_reflns.observed_criterion_sigma_I   ? 
_reflns.observed_criterion_sigma_F   ? 
_reflns.d_resolution_low             ? 
_reflns.d_resolution_high            2.400 
_reflns.number_obs                   2820 
_reflns.number_all                   ? 
_reflns.percent_possible_obs         ? 
_reflns.pdbx_Rmerge_I_obs            ? 
_reflns.pdbx_Rsym_value              ? 
_reflns.pdbx_netI_over_sigmaI        ? 
_reflns.B_iso_Wilson_estimate        ? 
_reflns.pdbx_redundancy              ? 
_reflns.R_free_details               ? 
_reflns.pdbx_chi_squared             ? 
_reflns.pdbx_scaling_rejects         ? 
_reflns.pdbx_diffrn_id               1 
_reflns.pdbx_ordinal                 1 
# 
_refine.entry_id                                 233D 
_refine.ls_number_reflns_obs                     2605 
_refine.ls_number_reflns_all                     ? 
_refine.pdbx_ls_sigma_I                          ? 
_refine.pdbx_ls_sigma_F                          2.000 
_refine.pdbx_data_cutoff_high_absF               ? 
_refine.pdbx_data_cutoff_low_absF                ? 
_refine.pdbx_data_cutoff_high_rms_absF           ? 
_refine.ls_d_res_low                             8.000 
_refine.ls_d_res_high                            2.400 
_refine.ls_percent_reflns_obs                    ? 
_refine.ls_R_factor_obs                          0.201 
_refine.ls_R_factor_all                          ? 
_refine.ls_R_factor_R_work                       0.201 
_refine.ls_R_factor_R_free                       ? 
_refine.ls_R_factor_R_free_error                 ? 
_refine.ls_R_factor_R_free_error_details         ? 
_refine.ls_percent_reflns_R_free                 ? 
_refine.ls_number_reflns_R_free                  ? 
_refine.ls_number_parameters                     ? 
_refine.ls_number_restraints                     ? 
_refine.occupancy_min                            ? 
_refine.occupancy_max                            ? 
_refine.B_iso_mean                               ? 
_refine.aniso_B[1][1]                            ? 
_refine.aniso_B[2][2]                            ? 
_refine.aniso_B[3][3]                            ? 
_refine.aniso_B[1][2]                            ? 
_refine.aniso_B[1][3]                            ? 
_refine.aniso_B[2][3]                            ? 
_refine.solvent_model_details                    ? 
_refine.solvent_model_param_ksol                 ? 
_refine.solvent_model_param_bsol                 ? 
_refine.pdbx_ls_cross_valid_method               ? 
_refine.details                                  ? 
_refine.pdbx_starting_model                      ? 
_refine.pdbx_method_to_determine_struct          ? 
_refine.pdbx_isotropic_thermal_model             ? 
_refine.pdbx_stereochemistry_target_values       ? 
_refine.pdbx_stereochem_target_val_spec_case     ? 
_refine.pdbx_R_Free_selection_details            ? 
_refine.pdbx_overall_ESU_R                       ? 
_refine.pdbx_overall_ESU_R_Free                  ? 
_refine.overall_SU_ML                            ? 
_refine.overall_SU_B                             ? 
_refine.pdbx_refine_id                           'X-RAY DIFFRACTION' 
_refine.ls_redundancy_reflns_obs                 ? 
_refine.pdbx_overall_phase_error                 ? 
_refine.correlation_coeff_Fo_to_Fc               ? 
_refine.correlation_coeff_Fo_to_Fc_free          ? 
_refine.pdbx_solvent_vdw_probe_radii             ? 
_refine.pdbx_solvent_ion_probe_radii             ? 
_refine.pdbx_solvent_shrinkage_radii             ? 
_refine.overall_SU_R_Cruickshank_DPI             ? 
_refine.overall_SU_R_free                        ? 
_refine.ls_wR_factor_R_free                      ? 
_refine.ls_wR_factor_R_work                      ? 
_refine.overall_FOM_free_R_set                   ? 
_refine.overall_FOM_work_R_set                   ? 
_refine.pdbx_diffrn_id                           1 
_refine.pdbx_TLS_residual_ADP_flag               ? 
_refine.pdbx_overall_SU_R_free_Cruickshank_DPI   ? 
_refine.pdbx_overall_SU_R_Blow_DPI               ? 
_refine.pdbx_overall_SU_R_free_Blow_DPI          ? 
# 
_refine_hist.pdbx_refine_id                   'X-RAY DIFFRACTION' 
_refine_hist.cycle_id                         LAST 
_refine_hist.pdbx_number_atoms_protein        0 
_refine_hist.pdbx_number_atoms_nucleic_acid   486 
_refine_hist.pdbx_number_atoms_ligand         0 
_refine_hist.number_atoms_solvent             67 
_refine_hist.number_atoms_total               553 
_refine_hist.d_res_high                       2.400 
_refine_hist.d_res_low                        8.000 
# 
loop_
_refine_ls_restr.type 
_refine_ls_restr.dev_ideal 
_refine_ls_restr.dev_ideal_target 
_refine_ls_restr.weight 
_refine_ls_restr.number 
_refine_ls_restr.pdbx_refine_id 
_refine_ls_restr.pdbx_restraint_function 
x_bond_d                0.018 ? ? ? 'X-RAY DIFFRACTION' ? 
x_bond_d_na             ?     ? ? ? 'X-RAY DIFFRACTION' ? 
x_bond_d_prot           ?     ? ? ? 'X-RAY DIFFRACTION' ? 
x_angle_d               ?     ? ? ? 'X-RAY DIFFRACTION' ? 
x_angle_d_na            ?     ? ? ? 'X-RAY DIFFRACTION' ? 
x_angle_d_prot          ?     ? ? ? 'X-RAY DIFFRACTION' ? 
x_angle_deg             3.53  ? ? ? 'X-RAY DIFFRACTION' ? 
x_angle_deg_na          ?     ? ? ? 'X-RAY DIFFRACTION' ? 
x_angle_deg_prot        ?     ? ? ? 'X-RAY DIFFRACTION' ? 
x_dihedral_angle_d      ?     ? ? ? 'X-RAY DIFFRACTION' ? 
x_dihedral_angle_d_na   ?     ? ? ? 'X-RAY DIFFRACTION' ? 
x_dihedral_angle_d_prot ?     ? ? ? 'X-RAY DIFFRACTION' ? 
x_improper_angle_d      ?     ? ? ? 'X-RAY DIFFRACTION' ? 
x_improper_angle_d_na   ?     ? ? ? 'X-RAY DIFFRACTION' ? 
x_improper_angle_d_prot ?     ? ? ? 'X-RAY DIFFRACTION' ? 
x_mcbond_it             ?     ? ? ? 'X-RAY DIFFRACTION' ? 
x_mcangle_it            ?     ? ? ? 'X-RAY DIFFRACTION' ? 
x_scbond_it             ?     ? ? ? 'X-RAY DIFFRACTION' ? 
x_scangle_it            ?     ? ? ? 'X-RAY DIFFRACTION' ? 
# 
_struct.entry_id                  233D 
_struct.title                     
;THE CRYSTAL STRUCTURE ANALYSIS OF D(CGCGAASSCGCG)2: A SYNTHETIC DNA DODECAMER DUPLEX CONTAINING FOUR 4'-THIO-2'-DEOXYTHYMIDINE NUCLEOTIDES
;
_struct.pdbx_model_details        ? 
_struct.pdbx_CASP_flag            ? 
_struct.pdbx_model_type_details   ? 
# 
_struct_keywords.entry_id        233D 
_struct_keywords.pdbx_keywords   DNA 
_struct_keywords.text            'B-DNA, DOUBLE HELIX, MODIFIED, DNA' 
# 
loop_
_struct_asym.id 
_struct_asym.pdbx_blank_PDB_chainid_flag 
_struct_asym.pdbx_modified 
_struct_asym.entity_id 
_struct_asym.details 
A N N 1 ? 
B N N 1 ? 
C N N 2 ? 
D N N 2 ? 
# 
_struct_ref.id                         1 
_struct_ref.entity_id                  1 
_struct_ref.db_name                    PDB 
_struct_ref.db_code                    233D 
_struct_ref.pdbx_db_accession          233D 
_struct_ref.pdbx_align_begin           ? 
_struct_ref.pdbx_seq_one_letter_code   ? 
_struct_ref.pdbx_db_isoform            ? 
# 
loop_
_struct_ref_seq.align_id 
_struct_ref_seq.ref_id 
_struct_ref_seq.pdbx_PDB_id_code 
_struct_ref_seq.pdbx_strand_id 
_struct_ref_seq.seq_align_beg 
_struct_ref_seq.pdbx_seq_align_beg_ins_code 
_struct_ref_seq.seq_align_end 
_struct_ref_seq.pdbx_seq_align_end_ins_code 
_struct_ref_seq.pdbx_db_accession 
_struct_ref_seq.db_align_beg 
_struct_ref_seq.pdbx_db_align_beg_ins_code 
_struct_ref_seq.db_align_end 
_struct_ref_seq.pdbx_db_align_end_ins_code 
_struct_ref_seq.pdbx_auth_seq_align_beg 
_struct_ref_seq.pdbx_auth_seq_align_end 
1 1 233D A 1 ? 12 ? 233D 1  ? 12 ? 1  12 
2 1 233D B 1 ? 12 ? 233D 13 ? 24 ? 13 24 
# 
_pdbx_struct_assembly.id                   1 
_pdbx_struct_assembly.details              author_defined_assembly 
_pdbx_struct_assembly.method_details       ? 
_pdbx_struct_assembly.oligomeric_details   dimeric 
_pdbx_struct_assembly.oligomeric_count     2 
# 
_pdbx_struct_assembly_gen.assembly_id       1 
_pdbx_struct_assembly_gen.oper_expression   1 
_pdbx_struct_assembly_gen.asym_id_list      A,B,C,D 
# 
_pdbx_struct_oper_list.id                   1 
_pdbx_struct_oper_list.type                 'identity operation' 
_pdbx_struct_oper_list.name                 1_555 
_pdbx_struct_oper_list.symmetry_operation   x,y,z 
_pdbx_struct_oper_list.matrix[1][1]         1.0000000000 
_pdbx_struct_oper_list.matrix[1][2]         0.0000000000 
_pdbx_struct_oper_list.matrix[1][3]         0.0000000000 
_pdbx_struct_oper_list.vector[1]            0.0000000000 
_pdbx_struct_oper_list.matrix[2][1]         0.0000000000 
_pdbx_struct_oper_list.matrix[2][2]         1.0000000000 
_pdbx_struct_oper_list.matrix[2][3]         0.0000000000 
_pdbx_struct_oper_list.vector[2]            0.0000000000 
_pdbx_struct_oper_list.matrix[3][1]         0.0000000000 
_pdbx_struct_oper_list.matrix[3][2]         0.0000000000 
_pdbx_struct_oper_list.matrix[3][3]         1.0000000000 
_pdbx_struct_oper_list.vector[3]            0.0000000000 
# 
_struct_biol.id        1 
_struct_biol.details   ? 
# 
loop_
_struct_conn.id 
_struct_conn.conn_type_id 
_struct_conn.pdbx_leaving_atom_flag 
_struct_conn.pdbx_PDB_id 
_struct_conn.ptnr1_label_asym_id 
_struct_conn.ptnr1_label_comp_id 
_struct_conn.ptnr1_label_seq_id 
_struct_conn.ptnr1_label_atom_id 
_struct_conn.pdbx_ptnr1_label_alt_id 
_struct_conn.pdbx_ptnr1_PDB_ins_code 
_struct_conn.pdbx_ptnr1_standard_comp_id 
_struct_conn.ptnr1_symmetry 
_struct_conn.ptnr2_label_asym_id 
_struct_conn.ptnr2_label_comp_id 
_struct_conn.ptnr2_label_seq_id 
_struct_conn.ptnr2_label_atom_id 
_struct_conn.pdbx_ptnr2_label_alt_id 
_struct_conn.pdbx_ptnr2_PDB_ins_code 
_struct_conn.ptnr1_auth_asym_id 
_struct_conn.ptnr1_auth_comp_id 
_struct_conn.ptnr1_auth_seq_id 
_struct_conn.ptnr2_auth_asym_id 
_struct_conn.ptnr2_auth_comp_id 
_struct_conn.ptnr2_auth_seq_id 
_struct_conn.ptnr2_symmetry 
_struct_conn.pdbx_ptnr3_label_atom_id 
_struct_conn.pdbx_ptnr3_label_seq_id 
_struct_conn.pdbx_ptnr3_label_comp_id 
_struct_conn.pdbx_ptnr3_label_asym_id 
_struct_conn.pdbx_ptnr3_label_alt_id 
_struct_conn.pdbx_ptnr3_PDB_ins_code 
_struct_conn.details 
_struct_conn.pdbx_dist_value 
_struct_conn.pdbx_value_order 
_struct_conn.pdbx_role 
covale1  covale both ? A DA  6  "O3'" ? ? ? 1_555 A T49 7  P  ? ? A DA  6  A T49 7  1_555 ? ? ? ? ? ? ?            1.611 ? ? 
covale2  covale both ? A T49 7  "O3'" ? ? ? 1_555 A T49 8  P  ? ? A T49 7  A T49 8  1_555 ? ? ? ? ? ? ?            1.579 ? ? 
covale3  covale both ? A T49 8  "O3'" ? ? ? 1_555 A DC  9  P  ? ? A T49 8  A DC  9  1_555 ? ? ? ? ? ? ?            1.599 ? ? 
covale4  covale both ? B DA  6  "O3'" ? ? ? 1_555 B T49 7  P  ? ? B DA  18 B T49 19 1_555 ? ? ? ? ? ? ?            1.601 ? ? 
covale5  covale both ? B T49 7  "O3'" ? ? ? 1_555 B T49 8  P  ? ? B T49 19 B T49 20 1_555 ? ? ? ? ? ? ?            1.621 ? ? 
covale6  covale both ? B T49 8  "O3'" ? ? ? 1_555 B DC  9  P  ? ? B T49 20 B DC  21 1_555 ? ? ? ? ? ? ?            1.589 ? ? 
hydrog1  hydrog ?    ? A DC  1  N3    ? ? ? 1_555 B DG  12 N1 ? ? A DC  1  B DG  24 1_555 ? ? ? ? ? ? WATSON-CRICK ?     ? ? 
hydrog2  hydrog ?    ? A DC  1  N4    ? ? ? 1_555 B DG  12 O6 ? ? A DC  1  B DG  24 1_555 ? ? ? ? ? ? WATSON-CRICK ?     ? ? 
hydrog3  hydrog ?    ? A DC  1  O2    ? ? ? 1_555 B DG  12 N2 ? ? A DC  1  B DG  24 1_555 ? ? ? ? ? ? WATSON-CRICK ?     ? ? 
hydrog4  hydrog ?    ? A DG  2  N1    ? ? ? 1_555 B DC  11 N3 ? ? A DG  2  B DC  23 1_555 ? ? ? ? ? ? WATSON-CRICK ?     ? ? 
hydrog5  hydrog ?    ? A DG  2  N2    ? ? ? 1_555 B DC  11 O2 ? ? A DG  2  B DC  23 1_555 ? ? ? ? ? ? WATSON-CRICK ?     ? ? 
hydrog6  hydrog ?    ? A DG  2  O6    ? ? ? 1_555 B DC  11 N4 ? ? A DG  2  B DC  23 1_555 ? ? ? ? ? ? WATSON-CRICK ?     ? ? 
hydrog7  hydrog ?    ? A DC  3  N3    ? ? ? 1_555 B DG  10 N1 ? ? A DC  3  B DG  22 1_555 ? ? ? ? ? ? WATSON-CRICK ?     ? ? 
hydrog8  hydrog ?    ? A DC  3  N4    ? ? ? 1_555 B DG  10 O6 ? ? A DC  3  B DG  22 1_555 ? ? ? ? ? ? WATSON-CRICK ?     ? ? 
hydrog9  hydrog ?    ? A DC  3  O2    ? ? ? 1_555 B DG  10 N2 ? ? A DC  3  B DG  22 1_555 ? ? ? ? ? ? WATSON-CRICK ?     ? ? 
hydrog10 hydrog ?    ? A DG  4  N1    ? ? ? 1_555 B DC  9  N3 ? ? A DG  4  B DC  21 1_555 ? ? ? ? ? ? WATSON-CRICK ?     ? ? 
hydrog11 hydrog ?    ? A DG  4  N2    ? ? ? 1_555 B DC  9  O2 ? ? A DG  4  B DC  21 1_555 ? ? ? ? ? ? WATSON-CRICK ?     ? ? 
hydrog12 hydrog ?    ? A DG  4  O6    ? ? ? 1_555 B DC  9  N4 ? ? A DG  4  B DC  21 1_555 ? ? ? ? ? ? WATSON-CRICK ?     ? ? 
hydrog13 hydrog ?    ? A DA  5  N1    ? ? ? 1_555 B T49 8  N3 ? ? A DA  5  B T49 20 1_555 ? ? ? ? ? ? WATSON-CRICK ?     ? ? 
hydrog14 hydrog ?    ? A DA  5  N6    ? ? ? 1_555 B T49 8  O4 ? ? A DA  5  B T49 20 1_555 ? ? ? ? ? ? WATSON-CRICK ?     ? ? 
hydrog15 hydrog ?    ? A DA  6  N1    ? ? ? 1_555 B T49 7  N3 ? ? A DA  6  B T49 19 1_555 ? ? ? ? ? ? WATSON-CRICK ?     ? ? 
hydrog16 hydrog ?    ? A DA  6  N6    ? ? ? 1_555 B T49 7  O4 ? ? A DA  6  B T49 19 1_555 ? ? ? ? ? ? WATSON-CRICK ?     ? ? 
hydrog17 hydrog ?    ? A T49 7  N3    ? ? ? 1_555 B DA  6  N1 ? ? A T49 7  B DA  18 1_555 ? ? ? ? ? ? WATSON-CRICK ?     ? ? 
hydrog18 hydrog ?    ? A T49 7  O4    ? ? ? 1_555 B DA  6  N6 ? ? A T49 7  B DA  18 1_555 ? ? ? ? ? ? WATSON-CRICK ?     ? ? 
hydrog19 hydrog ?    ? A T49 8  N3    ? ? ? 1_555 B DA  5  N1 ? ? A T49 8  B DA  17 1_555 ? ? ? ? ? ? WATSON-CRICK ?     ? ? 
hydrog20 hydrog ?    ? A T49 8  O4    ? ? ? 1_555 B DA  5  N6 ? ? A T49 8  B DA  17 1_555 ? ? ? ? ? ? WATSON-CRICK ?     ? ? 
hydrog21 hydrog ?    ? A DC  9  N3    ? ? ? 1_555 B DG  4  N1 ? ? A DC  9  B DG  16 1_555 ? ? ? ? ? ? WATSON-CRICK ?     ? ? 
hydrog22 hydrog ?    ? A DC  9  N4    ? ? ? 1_555 B DG  4  O6 ? ? A DC  9  B DG  16 1_555 ? ? ? ? ? ? WATSON-CRICK ?     ? ? 
hydrog23 hydrog ?    ? A DC  9  O2    ? ? ? 1_555 B DG  4  N2 ? ? A DC  9  B DG  16 1_555 ? ? ? ? ? ? WATSON-CRICK ?     ? ? 
hydrog24 hydrog ?    ? A DG  10 N1    ? ? ? 1_555 B DC  3  N3 ? ? A DG  10 B DC  15 1_555 ? ? ? ? ? ? WATSON-CRICK ?     ? ? 
hydrog25 hydrog ?    ? A DG  10 N2    ? ? ? 1_555 B DC  3  O2 ? ? A DG  10 B DC  15 1_555 ? ? ? ? ? ? WATSON-CRICK ?     ? ? 
hydrog26 hydrog ?    ? A DG  10 O6    ? ? ? 1_555 B DC  3  N4 ? ? A DG  10 B DC  15 1_555 ? ? ? ? ? ? WATSON-CRICK ?     ? ? 
hydrog27 hydrog ?    ? A DC  11 N3    ? ? ? 1_555 B DG  2  N1 ? ? A DC  11 B DG  14 1_555 ? ? ? ? ? ? WATSON-CRICK ?     ? ? 
hydrog28 hydrog ?    ? A DC  11 N4    ? ? ? 1_555 B DG  2  O6 ? ? A DC  11 B DG  14 1_555 ? ? ? ? ? ? WATSON-CRICK ?     ? ? 
hydrog29 hydrog ?    ? A DC  11 O2    ? ? ? 1_555 B DG  2  N2 ? ? A DC  11 B DG  14 1_555 ? ? ? ? ? ? WATSON-CRICK ?     ? ? 
hydrog30 hydrog ?    ? A DG  12 N1    ? ? ? 1_555 B DC  1  N3 ? ? A DG  12 B DC  13 1_555 ? ? ? ? ? ? WATSON-CRICK ?     ? ? 
hydrog31 hydrog ?    ? A DG  12 N2    ? ? ? 1_555 B DC  1  O2 ? ? A DG  12 B DC  13 1_555 ? ? ? ? ? ? WATSON-CRICK ?     ? ? 
hydrog32 hydrog ?    ? A DG  12 O6    ? ? ? 1_555 B DC  1  N4 ? ? A DG  12 B DC  13 1_555 ? ? ? ? ? ? WATSON-CRICK ?     ? ? 
# 
loop_
_struct_conn_type.id 
_struct_conn_type.criteria 
_struct_conn_type.reference 
covale ? ? 
hydrog ? ? 
# 
loop_
_pdbx_validate_rmsd_bond.id 
_pdbx_validate_rmsd_bond.PDB_model_num 
_pdbx_validate_rmsd_bond.auth_atom_id_1 
_pdbx_validate_rmsd_bond.auth_asym_id_1 
_pdbx_validate_rmsd_bond.auth_comp_id_1 
_pdbx_validate_rmsd_bond.auth_seq_id_1 
_pdbx_validate_rmsd_bond.PDB_ins_code_1 
_pdbx_validate_rmsd_bond.label_alt_id_1 
_pdbx_validate_rmsd_bond.auth_atom_id_2 
_pdbx_validate_rmsd_bond.auth_asym_id_2 
_pdbx_validate_rmsd_bond.auth_comp_id_2 
_pdbx_validate_rmsd_bond.auth_seq_id_2 
_pdbx_validate_rmsd_bond.PDB_ins_code_2 
_pdbx_validate_rmsd_bond.label_alt_id_2 
_pdbx_validate_rmsd_bond.bond_value 
_pdbx_validate_rmsd_bond.bond_target_value 
_pdbx_validate_rmsd_bond.bond_deviation 
_pdbx_validate_rmsd_bond.bond_standard_deviation 
_pdbx_validate_rmsd_bond.linker_flag 
1 1 C4    A DC 3  ? ? C5    A DC 3  ? ? 1.373 1.425 -0.052 0.008 N 
2 1 N9    A DA 6  ? ? C4    A DA 6  ? ? 1.424 1.374 0.050  0.006 N 
3 1 "C4'" B DA 18 ? ? "C3'" B DA 18 ? ? 1.594 1.529 0.065  0.010 N 
4 1 "C3'" B DA 18 ? ? "C2'" B DA 18 ? ? 1.460 1.516 -0.056 0.008 N 
5 1 "O3'" B DC 23 ? ? P     B DG 24 ? ? 1.682 1.607 0.075  0.012 Y 
# 
loop_
_pdbx_validate_rmsd_angle.id 
_pdbx_validate_rmsd_angle.PDB_model_num 
_pdbx_validate_rmsd_angle.auth_atom_id_1 
_pdbx_validate_rmsd_angle.auth_asym_id_1 
_pdbx_validate_rmsd_angle.auth_comp_id_1 
_pdbx_validate_rmsd_angle.auth_seq_id_1 
_pdbx_validate_rmsd_angle.PDB_ins_code_1 
_pdbx_validate_rmsd_angle.label_alt_id_1 
_pdbx_validate_rmsd_angle.auth_atom_id_2 
_pdbx_validate_rmsd_angle.auth_asym_id_2 
_pdbx_validate_rmsd_angle.auth_comp_id_2 
_pdbx_validate_rmsd_angle.auth_seq_id_2 
_pdbx_validate_rmsd_angle.PDB_ins_code_2 
_pdbx_validate_rmsd_angle.label_alt_id_2 
_pdbx_validate_rmsd_angle.auth_atom_id_3 
_pdbx_validate_rmsd_angle.auth_asym_id_3 
_pdbx_validate_rmsd_angle.auth_comp_id_3 
_pdbx_validate_rmsd_angle.auth_seq_id_3 
_pdbx_validate_rmsd_angle.PDB_ins_code_3 
_pdbx_validate_rmsd_angle.label_alt_id_3 
_pdbx_validate_rmsd_angle.angle_value 
_pdbx_validate_rmsd_angle.angle_target_value 
_pdbx_validate_rmsd_angle.angle_deviation 
_pdbx_validate_rmsd_angle.angle_standard_deviation 
_pdbx_validate_rmsd_angle.linker_flag 
1  1 "O4'" A DC  1  ? ? "C4'" A DC  1  ? ? "C3'" A DC  1  ? ? 101.37 104.50 -3.13  0.40 N 
2  1 N1    A DC  1  ? ? C2    A DC  1  ? ? O2    A DC  1  ? ? 124.21 118.90 5.31   0.60 N 
3  1 N3    A DC  1  ? ? C2    A DC  1  ? ? O2    A DC  1  ? ? 117.55 121.90 -4.35  0.70 N 
4  1 "O4'" A DG  2  ? ? "C1'" A DG  2  ? ? "C2'" A DG  2  ? ? 100.90 105.90 -5.00  0.80 N 
5  1 "O4'" A DC  3  ? ? "C4'" A DC  3  ? ? "C3'" A DC  3  ? ? 101.14 104.50 -3.36  0.40 N 
6  1 "O4'" A DC  3  ? ? "C1'" A DC  3  ? ? N1    A DC  3  ? ? 111.49 108.30 3.19   0.30 N 
7  1 C2    A DC  3  ? ? N3    A DC  3  ? ? C4    A DC  3  ? ? 123.50 119.90 3.60   0.50 N 
8  1 N1    A DC  3  ? ? C2    A DC  3  ? ? O2    A DC  3  ? ? 122.84 118.90 3.94   0.60 N 
9  1 P     A DG  4  ? ? "O5'" A DG  4  ? ? "C5'" A DG  4  ? ? 130.91 120.90 10.01  1.60 N 
10 1 "C5'" A DG  4  ? ? "C4'" A DG  4  ? ? "O4'" A DG  4  ? ? 116.96 109.80 7.16   1.10 N 
11 1 "O4'" A DG  4  ? ? "C1'" A DG  4  ? ? N9    A DG  4  ? ? 115.93 108.30 7.63   0.30 N 
12 1 "C3'" A DG  4  ? ? "O3'" A DG  4  ? ? P     A DA  5  ? ? 127.62 119.70 7.92   1.20 Y 
13 1 "O4'" A DA  5  ? ? "C1'" A DA  5  ? ? N9    A DA  5  ? ? 113.02 108.30 4.72   0.30 N 
14 1 "O4'" A DA  6  ? ? "C1'" A DA  6  ? ? N9    A DA  6  ? ? 112.77 108.30 4.47   0.30 N 
15 1 C5    A DA  6  ? ? C6    A DA  6  ? ? N1    A DA  6  ? ? 120.75 117.70 3.05   0.50 N 
16 1 "C3'" A T49 7  ? ? "O3'" A T49 7  ? ? P     A T49 8  ? ? 112.21 119.70 -7.49  1.20 Y 
17 1 "O4'" A DC  9  ? ? "C1'" A DC  9  ? ? N1    A DC  9  ? ? 113.43 108.30 5.13   0.30 N 
18 1 N1    A DC  9  ? ? C2    A DC  9  ? ? O2    A DC  9  ? ? 123.45 118.90 4.55   0.60 N 
19 1 "O4'" A DG  10 ? ? "C1'" A DG  10 ? ? N9    A DG  10 ? ? 113.96 108.30 5.66   0.30 N 
20 1 "O4'" B DC  13 ? ? "C1'" B DC  13 ? ? N1    B DC  13 ? ? 113.30 108.30 5.00   0.30 N 
21 1 N1    B DC  13 ? ? C2    B DC  13 ? ? O2    B DC  13 ? ? 123.36 118.90 4.46   0.60 N 
22 1 "O4'" B DG  14 ? ? "C1'" B DG  14 ? ? "C2'" B DG  14 ? ? 99.49  105.90 -6.41  0.80 N 
23 1 "O4'" B DG  14 ? ? "C1'" B DG  14 ? ? N9    B DG  14 ? ? 111.85 108.30 3.55   0.30 N 
24 1 "O4'" B DC  15 ? ? "C4'" B DC  15 ? ? "C3'" B DC  15 ? ? 101.17 104.50 -3.33  0.40 N 
25 1 "O4'" B DC  15 ? ? "C1'" B DC  15 ? ? N1    B DC  15 ? ? 112.17 108.30 3.87   0.30 N 
26 1 "O4'" B DG  16 ? ? "C4'" B DG  16 ? ? "C3'" B DG  16 ? ? 112.40 106.00 6.40   0.60 N 
27 1 "O4'" B DA  17 ? ? "C1'" B DA  17 ? ? "C2'" B DA  17 ? ? 99.61  105.90 -6.29  0.80 N 
28 1 "O4'" B DA  17 ? ? "C1'" B DA  17 ? ? N9    B DA  17 ? ? 111.59 108.30 3.29   0.30 N 
29 1 P     B DA  18 ? ? "O5'" B DA  18 ? ? "C5'" B DA  18 ? ? 111.04 120.90 -9.86  1.60 N 
30 1 "C5'" B DA  18 ? ? "C4'" B DA  18 ? ? "C3'" B DA  18 ? ? 98.59  114.10 -15.51 1.80 N 
31 1 "C2'" B DA  18 ? ? "C3'" B DA  18 ? ? "O3'" B DA  18 ? ? 86.80  109.40 -22.60 2.50 N 
32 1 "O4'" B DA  18 ? ? "C1'" B DA  18 ? ? N9    B DA  18 ? ? 118.94 108.30 10.64  0.30 N 
33 1 "C3'" B T49 19 ? ? "O3'" B T49 19 ? ? P     B T49 20 ? ? 109.96 119.70 -9.74  1.20 Y 
34 1 "O4'" B DC  21 ? ? "C1'" B DC  21 ? ? N1    B DC  21 ? ? 103.40 108.00 -4.60  0.70 N 
35 1 N1    B DC  21 ? ? C2    B DC  21 ? ? O2    B DC  21 ? ? 123.48 118.90 4.58   0.60 N 
36 1 N3    B DC  21 ? ? C2    B DC  21 ? ? O2    B DC  21 ? ? 117.41 121.90 -4.49  0.70 N 
37 1 "O4'" B DG  22 ? ? "C1'" B DG  22 ? ? N9    B DG  22 ? ? 116.43 108.30 8.13   0.30 N 
38 1 "O4'" B DC  23 ? ? "C1'" B DC  23 ? ? N1    B DC  23 ? ? 112.83 108.30 4.53   0.30 N 
39 1 C2    B DC  23 ? ? N3    B DC  23 ? ? C4    B DC  23 ? ? 124.02 119.90 4.12   0.50 N 
40 1 N3    B DC  23 ? ? C4    B DC  23 ? ? C5    B DC  23 ? ? 118.70 121.90 -3.20  0.40 N 
41 1 N1    B DC  23 ? ? C2    B DC  23 ? ? O2    B DC  23 ? ? 122.81 118.90 3.91   0.60 N 
42 1 "O4'" B DG  24 ? ? "C1'" B DG  24 ? ? N9    B DG  24 ? ? 112.51 108.30 4.21   0.30 N 
# 
loop_
_pdbx_validate_chiral.id 
_pdbx_validate_chiral.PDB_model_num 
_pdbx_validate_chiral.auth_atom_id 
_pdbx_validate_chiral.label_alt_id 
_pdbx_validate_chiral.auth_asym_id 
_pdbx_validate_chiral.auth_comp_id 
_pdbx_validate_chiral.auth_seq_id 
_pdbx_validate_chiral.PDB_ins_code 
_pdbx_validate_chiral.details 
_pdbx_validate_chiral.omega 
1 1 "C1'" ? B T49 19 ? PLANAR . 
2 1 "C1'" ? B T49 20 ? PLANAR . 
# 
_pdbx_validate_planes.id              1 
_pdbx_validate_planes.PDB_model_num   1 
_pdbx_validate_planes.auth_comp_id    DC 
_pdbx_validate_planes.auth_asym_id    A 
_pdbx_validate_planes.auth_seq_id     3 
_pdbx_validate_planes.PDB_ins_code    ? 
_pdbx_validate_planes.label_alt_id    ? 
_pdbx_validate_planes.rmsd            0.099 
_pdbx_validate_planes.type            'SIDE CHAIN' 
# 
loop_
_pdbx_struct_mod_residue.id 
_pdbx_struct_mod_residue.label_asym_id 
_pdbx_struct_mod_residue.label_comp_id 
_pdbx_struct_mod_residue.label_seq_id 
_pdbx_struct_mod_residue.auth_asym_id 
_pdbx_struct_mod_residue.auth_comp_id 
_pdbx_struct_mod_residue.auth_seq_id 
_pdbx_struct_mod_residue.PDB_ins_code 
_pdbx_struct_mod_residue.parent_comp_id 
_pdbx_struct_mod_residue.details 
1 A T49 7 A T49 7  ? DT 
;S4'-2'DEOXYTHYMIDINE 5'-MONOPHOSPHATE
;
2 A T49 8 A T49 8  ? DT 
;S4'-2'DEOXYTHYMIDINE 5'-MONOPHOSPHATE
;
3 B T49 7 B T49 19 ? DT 
;S4'-2'DEOXYTHYMIDINE 5'-MONOPHOSPHATE
;
4 B T49 8 B T49 20 ? DT 
;S4'-2'DEOXYTHYMIDINE 5'-MONOPHOSPHATE
;
# 
loop_
_chem_comp_atom.comp_id 
_chem_comp_atom.atom_id 
_chem_comp_atom.type_symbol 
_chem_comp_atom.pdbx_aromatic_flag 
_chem_comp_atom.pdbx_stereo_config 
_chem_comp_atom.pdbx_ordinal 
DA  OP3    O N N 1   
DA  P      P N N 2   
DA  OP1    O N N 3   
DA  OP2    O N N 4   
DA  "O5'"  O N N 5   
DA  "C5'"  C N N 6   
DA  "C4'"  C N R 7   
DA  "O4'"  O N N 8   
DA  "C3'"  C N S 9   
DA  "O3'"  O N N 10  
DA  "C2'"  C N N 11  
DA  "C1'"  C N R 12  
DA  N9     N Y N 13  
DA  C8     C Y N 14  
DA  N7     N Y N 15  
DA  C5     C Y N 16  
DA  C6     C Y N 17  
DA  N6     N N N 18  
DA  N1     N Y N 19  
DA  C2     C Y N 20  
DA  N3     N Y N 21  
DA  C4     C Y N 22  
DA  HOP3   H N N 23  
DA  HOP2   H N N 24  
DA  "H5'"  H N N 25  
DA  "H5''" H N N 26  
DA  "H4'"  H N N 27  
DA  "H3'"  H N N 28  
DA  "HO3'" H N N 29  
DA  "H2'"  H N N 30  
DA  "H2''" H N N 31  
DA  "H1'"  H N N 32  
DA  H8     H N N 33  
DA  H61    H N N 34  
DA  H62    H N N 35  
DA  H2     H N N 36  
DC  OP3    O N N 37  
DC  P      P N N 38  
DC  OP1    O N N 39  
DC  OP2    O N N 40  
DC  "O5'"  O N N 41  
DC  "C5'"  C N N 42  
DC  "C4'"  C N R 43  
DC  "O4'"  O N N 44  
DC  "C3'"  C N S 45  
DC  "O3'"  O N N 46  
DC  "C2'"  C N N 47  
DC  "C1'"  C N R 48  
DC  N1     N N N 49  
DC  C2     C N N 50  
DC  O2     O N N 51  
DC  N3     N N N 52  
DC  C4     C N N 53  
DC  N4     N N N 54  
DC  C5     C N N 55  
DC  C6     C N N 56  
DC  HOP3   H N N 57  
DC  HOP2   H N N 58  
DC  "H5'"  H N N 59  
DC  "H5''" H N N 60  
DC  "H4'"  H N N 61  
DC  "H3'"  H N N 62  
DC  "HO3'" H N N 63  
DC  "H2'"  H N N 64  
DC  "H2''" H N N 65  
DC  "H1'"  H N N 66  
DC  H41    H N N 67  
DC  H42    H N N 68  
DC  H5     H N N 69  
DC  H6     H N N 70  
DG  OP3    O N N 71  
DG  P      P N N 72  
DG  OP1    O N N 73  
DG  OP2    O N N 74  
DG  "O5'"  O N N 75  
DG  "C5'"  C N N 76  
DG  "C4'"  C N R 77  
DG  "O4'"  O N N 78  
DG  "C3'"  C N S 79  
DG  "O3'"  O N N 80  
DG  "C2'"  C N N 81  
DG  "C1'"  C N R 82  
DG  N9     N Y N 83  
DG  C8     C Y N 84  
DG  N7     N Y N 85  
DG  C5     C Y N 86  
DG  C6     C N N 87  
DG  O6     O N N 88  
DG  N1     N N N 89  
DG  C2     C N N 90  
DG  N2     N N N 91  
DG  N3     N N N 92  
DG  C4     C Y N 93  
DG  HOP3   H N N 94  
DG  HOP2   H N N 95  
DG  "H5'"  H N N 96  
DG  "H5''" H N N 97  
DG  "H4'"  H N N 98  
DG  "H3'"  H N N 99  
DG  "HO3'" H N N 100 
DG  "H2'"  H N N 101 
DG  "H2''" H N N 102 
DG  "H1'"  H N N 103 
DG  H8     H N N 104 
DG  H1     H N N 105 
DG  H21    H N N 106 
DG  H22    H N N 107 
HOH O      O N N 108 
HOH H1     H N N 109 
HOH H2     H N N 110 
T49 O3P    O N N 111 
T49 P      P N N 112 
T49 O1P    O N N 113 
T49 O2P    O N N 114 
T49 "O5'"  O N N 115 
T49 "C5'"  C N N 116 
T49 "C4'"  C N R 117 
T49 "C3'"  C N S 118 
T49 "O3'"  O N N 119 
T49 "C2'"  C N N 120 
T49 "C1'"  C N R 121 
T49 N1     N N N 122 
T49 C2     C N N 123 
T49 O2     O N N 124 
T49 N3     N N N 125 
T49 C4     C N N 126 
T49 O4     O N N 127 
T49 C5     C N N 128 
T49 C5M    C N N 129 
T49 C6     C N N 130 
T49 S      S N N 131 
T49 H1P    H N N 132 
T49 H2P    H N N 133 
T49 "H5'1" H N N 134 
T49 "H5'2" H N N 135 
T49 "H4'"  H N N 136 
T49 "H3'"  H N N 137 
T49 HA     H N N 138 
T49 "H2'1" H N N 139 
T49 "H2'2" H N N 140 
T49 "H1'"  H N N 141 
T49 H3     H N N 142 
T49 H5M1   H N N 143 
T49 H5M2   H N N 144 
T49 H5M3   H N N 145 
T49 H6     H N N 146 
# 
loop_
_chem_comp_bond.comp_id 
_chem_comp_bond.atom_id_1 
_chem_comp_bond.atom_id_2 
_chem_comp_bond.value_order 
_chem_comp_bond.pdbx_aromatic_flag 
_chem_comp_bond.pdbx_stereo_config 
_chem_comp_bond.pdbx_ordinal 
DA  OP3   P      sing N N 1   
DA  OP3   HOP3   sing N N 2   
DA  P     OP1    doub N N 3   
DA  P     OP2    sing N N 4   
DA  P     "O5'"  sing N N 5   
DA  OP2   HOP2   sing N N 6   
DA  "O5'" "C5'"  sing N N 7   
DA  "C5'" "C4'"  sing N N 8   
DA  "C5'" "H5'"  sing N N 9   
DA  "C5'" "H5''" sing N N 10  
DA  "C4'" "O4'"  sing N N 11  
DA  "C4'" "C3'"  sing N N 12  
DA  "C4'" "H4'"  sing N N 13  
DA  "O4'" "C1'"  sing N N 14  
DA  "C3'" "O3'"  sing N N 15  
DA  "C3'" "C2'"  sing N N 16  
DA  "C3'" "H3'"  sing N N 17  
DA  "O3'" "HO3'" sing N N 18  
DA  "C2'" "C1'"  sing N N 19  
DA  "C2'" "H2'"  sing N N 20  
DA  "C2'" "H2''" sing N N 21  
DA  "C1'" N9     sing N N 22  
DA  "C1'" "H1'"  sing N N 23  
DA  N9    C8     sing Y N 24  
DA  N9    C4     sing Y N 25  
DA  C8    N7     doub Y N 26  
DA  C8    H8     sing N N 27  
DA  N7    C5     sing Y N 28  
DA  C5    C6     sing Y N 29  
DA  C5    C4     doub Y N 30  
DA  C6    N6     sing N N 31  
DA  C6    N1     doub Y N 32  
DA  N6    H61    sing N N 33  
DA  N6    H62    sing N N 34  
DA  N1    C2     sing Y N 35  
DA  C2    N3     doub Y N 36  
DA  C2    H2     sing N N 37  
DA  N3    C4     sing Y N 38  
DC  OP3   P      sing N N 39  
DC  OP3   HOP3   sing N N 40  
DC  P     OP1    doub N N 41  
DC  P     OP2    sing N N 42  
DC  P     "O5'"  sing N N 43  
DC  OP2   HOP2   sing N N 44  
DC  "O5'" "C5'"  sing N N 45  
DC  "C5'" "C4'"  sing N N 46  
DC  "C5'" "H5'"  sing N N 47  
DC  "C5'" "H5''" sing N N 48  
DC  "C4'" "O4'"  sing N N 49  
DC  "C4'" "C3'"  sing N N 50  
DC  "C4'" "H4'"  sing N N 51  
DC  "O4'" "C1'"  sing N N 52  
DC  "C3'" "O3'"  sing N N 53  
DC  "C3'" "C2'"  sing N N 54  
DC  "C3'" "H3'"  sing N N 55  
DC  "O3'" "HO3'" sing N N 56  
DC  "C2'" "C1'"  sing N N 57  
DC  "C2'" "H2'"  sing N N 58  
DC  "C2'" "H2''" sing N N 59  
DC  "C1'" N1     sing N N 60  
DC  "C1'" "H1'"  sing N N 61  
DC  N1    C2     sing N N 62  
DC  N1    C6     sing N N 63  
DC  C2    O2     doub N N 64  
DC  C2    N3     sing N N 65  
DC  N3    C4     doub N N 66  
DC  C4    N4     sing N N 67  
DC  C4    C5     sing N N 68  
DC  N4    H41    sing N N 69  
DC  N4    H42    sing N N 70  
DC  C5    C6     doub N N 71  
DC  C5    H5     sing N N 72  
DC  C6    H6     sing N N 73  
DG  OP3   P      sing N N 74  
DG  OP3   HOP3   sing N N 75  
DG  P     OP1    doub N N 76  
DG  P     OP2    sing N N 77  
DG  P     "O5'"  sing N N 78  
DG  OP2   HOP2   sing N N 79  
DG  "O5'" "C5'"  sing N N 80  
DG  "C5'" "C4'"  sing N N 81  
DG  "C5'" "H5'"  sing N N 82  
DG  "C5'" "H5''" sing N N 83  
DG  "C4'" "O4'"  sing N N 84  
DG  "C4'" "C3'"  sing N N 85  
DG  "C4'" "H4'"  sing N N 86  
DG  "O4'" "C1'"  sing N N 87  
DG  "C3'" "O3'"  sing N N 88  
DG  "C3'" "C2'"  sing N N 89  
DG  "C3'" "H3'"  sing N N 90  
DG  "O3'" "HO3'" sing N N 91  
DG  "C2'" "C1'"  sing N N 92  
DG  "C2'" "H2'"  sing N N 93  
DG  "C2'" "H2''" sing N N 94  
DG  "C1'" N9     sing N N 95  
DG  "C1'" "H1'"  sing N N 96  
DG  N9    C8     sing Y N 97  
DG  N9    C4     sing Y N 98  
DG  C8    N7     doub Y N 99  
DG  C8    H8     sing N N 100 
DG  N7    C5     sing Y N 101 
DG  C5    C6     sing N N 102 
DG  C5    C4     doub Y N 103 
DG  C6    O6     doub N N 104 
DG  C6    N1     sing N N 105 
DG  N1    C2     sing N N 106 
DG  N1    H1     sing N N 107 
DG  C2    N2     sing N N 108 
DG  C2    N3     doub N N 109 
DG  N2    H21    sing N N 110 
DG  N2    H22    sing N N 111 
DG  N3    C4     sing N N 112 
HOH O     H1     sing N N 113 
HOH O     H2     sing N N 114 
T49 O3P   P      doub N N 115 
T49 P     O1P    sing N N 116 
T49 P     O2P    sing N N 117 
T49 P     "O5'"  sing N N 118 
T49 O1P   H1P    sing N N 119 
T49 O2P   H2P    sing N N 120 
T49 "O5'" "C5'"  sing N N 121 
T49 "C5'" "C4'"  sing N N 122 
T49 "C5'" "H5'1" sing N N 123 
T49 "C5'" "H5'2" sing N N 124 
T49 "C4'" "C3'"  sing N N 125 
T49 "C4'" S      sing N N 126 
T49 "C4'" "H4'"  sing N N 127 
T49 "C3'" "O3'"  sing N N 128 
T49 "C3'" "C2'"  sing N N 129 
T49 "C3'" "H3'"  sing N N 130 
T49 "O3'" HA     sing N N 131 
T49 "C2'" "C1'"  sing N N 132 
T49 "C2'" "H2'1" sing N N 133 
T49 "C2'" "H2'2" sing N N 134 
T49 "C1'" N1     sing N N 135 
T49 "C1'" S      sing N N 136 
T49 "C1'" "H1'"  sing N N 137 
T49 N1    C2     sing N N 138 
T49 N1    C6     sing N N 139 
T49 C2    O2     doub N N 140 
T49 C2    N3     sing N N 141 
T49 N3    C4     sing N N 142 
T49 N3    H3     sing N N 143 
T49 C4    O4     doub N N 144 
T49 C4    C5     sing N N 145 
T49 C5    C5M    sing N N 146 
T49 C5    C6     doub N N 147 
T49 C5M   H5M1   sing N N 148 
T49 C5M   H5M2   sing N N 149 
T49 C5M   H5M3   sing N N 150 
T49 C6    H6     sing N N 151 
# 
_ndb_struct_conf_na.entry_id   233D 
_ndb_struct_conf_na.feature    'b-form double helix' 
# 
loop_
_ndb_struct_na_base_pair.model_number 
_ndb_struct_na_base_pair.i_label_asym_id 
_ndb_struct_na_base_pair.i_label_comp_id 
_ndb_struct_na_base_pair.i_label_seq_id 
_ndb_struct_na_base_pair.i_symmetry 
_ndb_struct_na_base_pair.j_label_asym_id 
_ndb_struct_na_base_pair.j_label_comp_id 
_ndb_struct_na_base_pair.j_label_seq_id 
_ndb_struct_na_base_pair.j_symmetry 
_ndb_struct_na_base_pair.shear 
_ndb_struct_na_base_pair.stretch 
_ndb_struct_na_base_pair.stagger 
_ndb_struct_na_base_pair.buckle 
_ndb_struct_na_base_pair.propeller 
_ndb_struct_na_base_pair.opening 
_ndb_struct_na_base_pair.pair_number 
_ndb_struct_na_base_pair.pair_name 
_ndb_struct_na_base_pair.i_auth_asym_id 
_ndb_struct_na_base_pair.i_auth_seq_id 
_ndb_struct_na_base_pair.i_PDB_ins_code 
_ndb_struct_na_base_pair.j_auth_asym_id 
_ndb_struct_na_base_pair.j_auth_seq_id 
_ndb_struct_na_base_pair.j_PDB_ins_code 
_ndb_struct_na_base_pair.hbond_type_28 
_ndb_struct_na_base_pair.hbond_type_12 
1 A DC  1  1_555 B DG  12 1_555 0.141  -0.110 0.046  6.413  -12.308 -2.632  1  A_DC1:DG24_B  A 1  ? B 24 ? 19 1 
1 A DG  2  1_555 B DC  11 1_555 -0.585 -0.364 0.143  -5.528 -12.297 0.395   2  A_DG2:DC23_B  A 2  ? B 23 ? 19 1 
1 A DC  3  1_555 B DG  10 1_555 0.158  -0.307 0.247  -6.296 -2.199  -1.463  3  A_DC3:DG22_B  A 3  ? B 22 ? 19 1 
1 A DG  4  1_555 B DC  9  1_555 -0.589 -0.513 -0.076 5.796  -9.457  -1.007  4  A_DG4:DC21_B  A 4  ? B 21 ? 19 1 
1 A DA  5  1_555 B T49 8  1_555 0.391  -0.226 -0.017 -1.233 -17.905 -5.674  5  A_DA5:T4920_B A 5  ? B 20 ? 20 1 
1 A DA  6  1_555 B T49 7  1_555 0.468  -0.277 0.259  1.391  -13.444 -10.160 6  A_DA6:T4919_B A 6  ? B 19 ? 20 1 
1 A T49 7  1_555 B DA  6  1_555 -0.436 -0.026 0.113  8.549  -17.049 4.684   7  A_T497:DA18_B A 7  ? B 18 ? 20 1 
1 A T49 8  1_555 B DA  5  1_555 -0.128 -0.396 0.045  2.091  -18.876 -6.254  8  A_T498:DA17_B A 8  ? B 17 ? 20 1 
1 A DC  9  1_555 B DG  4  1_555 -0.215 -0.431 -0.060 -6.917 -17.488 -2.017  9  A_DC9:DG16_B  A 9  ? B 16 ? 19 1 
1 A DG  10 1_555 B DC  3  1_555 -0.231 -0.293 0.239  0.974  -8.950  -0.554  10 A_DG10:DC15_B A 10 ? B 15 ? 19 1 
1 A DC  11 1_555 B DG  2  1_555 0.487  -0.398 0.394  -1.204 -21.756 -6.570  11 A_DC11:DG14_B A 11 ? B 14 ? 19 1 
1 A DG  12 1_555 B DC  1  1_555 -0.482 -0.295 0.029  8.478  6.217   -4.342  12 A_DG12:DC13_B A 12 ? B 13 ? 19 1 
# 
loop_
_ndb_struct_na_base_pair_step.model_number 
_ndb_struct_na_base_pair_step.i_label_asym_id_1 
_ndb_struct_na_base_pair_step.i_label_comp_id_1 
_ndb_struct_na_base_pair_step.i_label_seq_id_1 
_ndb_struct_na_base_pair_step.i_symmetry_1 
_ndb_struct_na_base_pair_step.j_label_asym_id_1 
_ndb_struct_na_base_pair_step.j_label_comp_id_1 
_ndb_struct_na_base_pair_step.j_label_seq_id_1 
_ndb_struct_na_base_pair_step.j_symmetry_1 
_ndb_struct_na_base_pair_step.i_label_asym_id_2 
_ndb_struct_na_base_pair_step.i_label_comp_id_2 
_ndb_struct_na_base_pair_step.i_label_seq_id_2 
_ndb_struct_na_base_pair_step.i_symmetry_2 
_ndb_struct_na_base_pair_step.j_label_asym_id_2 
_ndb_struct_na_base_pair_step.j_label_comp_id_2 
_ndb_struct_na_base_pair_step.j_label_seq_id_2 
_ndb_struct_na_base_pair_step.j_symmetry_2 
_ndb_struct_na_base_pair_step.shift 
_ndb_struct_na_base_pair_step.slide 
_ndb_struct_na_base_pair_step.rise 
_ndb_struct_na_base_pair_step.tilt 
_ndb_struct_na_base_pair_step.roll 
_ndb_struct_na_base_pair_step.twist 
_ndb_struct_na_base_pair_step.x_displacement 
_ndb_struct_na_base_pair_step.y_displacement 
_ndb_struct_na_base_pair_step.helical_rise 
_ndb_struct_na_base_pair_step.inclination 
_ndb_struct_na_base_pair_step.tip 
_ndb_struct_na_base_pair_step.helical_twist 
_ndb_struct_na_base_pair_step.step_number 
_ndb_struct_na_base_pair_step.step_name 
_ndb_struct_na_base_pair_step.i_auth_asym_id_1 
_ndb_struct_na_base_pair_step.i_auth_seq_id_1 
_ndb_struct_na_base_pair_step.i_PDB_ins_code_1 
_ndb_struct_na_base_pair_step.j_auth_asym_id_1 
_ndb_struct_na_base_pair_step.j_auth_seq_id_1 
_ndb_struct_na_base_pair_step.j_PDB_ins_code_1 
_ndb_struct_na_base_pair_step.i_auth_asym_id_2 
_ndb_struct_na_base_pair_step.i_auth_seq_id_2 
_ndb_struct_na_base_pair_step.i_PDB_ins_code_2 
_ndb_struct_na_base_pair_step.j_auth_asym_id_2 
_ndb_struct_na_base_pair_step.j_auth_seq_id_2 
_ndb_struct_na_base_pair_step.j_PDB_ins_code_2 
1 A DC  1  1_555 B DG  12 1_555 A DG  2  1_555 B DC  11 1_555 -0.386 0.297  3.656 -2.672 1.789   34.310 0.188  0.184  3.685 3.024 
4.518  34.456 1  AA_DC1DG2:DC23DG24_BB   A 1  ? B 24 ? A 2  ? B 23 ? 
1 A DG  2  1_555 B DC  11 1_555 A DC  3  1_555 B DG  10 1_555 0.409  0.514  3.460 0.900  -3.991  40.491 1.204  -0.484 3.404 -5.749 
-1.296 40.689 2  AA_DG2DC3:DG22DC23_BB   A 2  ? B 23 ? A 3  ? B 22 ? 
1 A DC  3  1_555 B DG  10 1_555 A DG  4  1_555 B DC  9  1_555 -0.215 0.780  3.081 3.835  7.781   25.576 -0.260 1.413  3.115 16.967 
-8.362 26.984 3  AA_DC3DG4:DC21DG22_BB   A 3  ? B 22 ? A 4  ? B 21 ? 
1 A DG  4  1_555 B DC  9  1_555 A DA  5  1_555 B T49 8  1_555 0.133  -0.027 3.468 -1.072 3.518   46.346 -0.349 -0.264 3.454 4.462 
1.359  46.484 4  AA_DG4DA5:T4920DC21_BB  A 4  ? B 21 ? A 5  ? B 20 ? 
1 A DA  5  1_555 B T49 8  1_555 A DA  6  1_555 B T49 7  1_555 0.002  -0.543 3.180 -1.949 1.492   36.700 -1.058 -0.261 3.152 2.366 
3.092  36.779 5  AA_DA5DA6:T4919T4920_BB A 5  ? B 20 ? A 6  ? B 19 ? 
1 A DA  6  1_555 B T49 7  1_555 A T49 7  1_555 B DA  6  1_555 0.572  -0.511 3.226 2.239  4.650   19.203 -3.628 -0.623 3.063 13.623 
-6.560 19.878 6  AA_DA6T497:DA18T4919_BB A 6  ? B 19 ? A 7  ? B 18 ? 
1 A T49 7  1_555 B DA  6  1_555 A T49 8  1_555 B DA  5  1_555 -0.699 -0.057 3.378 -0.595 -1.102  39.539 0.050  0.960  3.388 -1.629 
0.879  39.558 7  AA_T497T498:DA17DA18_BB A 7  ? B 18 ? A 8  ? B 17 ? 
1 A T49 8  1_555 B DA  5  1_555 A DC  9  1_555 B DG  4  1_555 -0.047 -0.393 3.469 1.562  -1.775  43.057 -0.349 0.228  3.478 -2.416 
-2.126 43.119 8  AA_T498DC9:DG16DA17_BB  A 8  ? B 17 ? A 9  ? B 16 ? 
1 A DC  9  1_555 B DG  4  1_555 A DG  10 1_555 B DC  3  1_555 0.400  0.980  3.287 -4.824 5.286   28.718 0.774  -1.830 3.301 10.453 
9.541  29.578 9  AA_DC9DG10:DC15DG16_BB  A 9  ? B 16 ? A 10 ? B 15 ? 
1 A DG  10 1_555 B DC  3  1_555 A DC  11 1_555 B DG  2  1_555 -1.536 0.625  3.460 -6.503 -13.967 45.158 1.972  1.347  3.318 
-17.593 8.192  47.583 10 AA_DG10DC11:DG14DC15_BB A 10 ? B 15 ? A 11 ? B 14 ? 
1 A DC  11 1_555 B DG  2  1_555 A DG  12 1_555 B DC  1  1_555 1.018  0.160  3.431 5.392  -7.439  32.614 1.558  -0.818 3.433 
-12.929 -9.372 33.850 11 AA_DC11DG12:DC13DG14_BB A 11 ? B 14 ? A 12 ? B 13 ? 
# 
_atom_sites.entry_id                    233D 
_atom_sites.fract_transf_matrix[1][1]   -0.00086211 
_atom_sites.fract_transf_matrix[1][2]   -0.02729375 
_atom_sites.fract_transf_matrix[1][3]   -0.02924360 
_atom_sites.fract_transf_matrix[2][1]   -0.02400162 
_atom_sites.fract_transf_matrix[2][2]   -0.00412118 
_atom_sites.fract_transf_matrix[2][3]   0.00455397 
_atom_sites.fract_transf_matrix[3][1]   -0.00374231 
_atom_sites.fract_transf_matrix[3][2]   0.01078945 
_atom_sites.fract_transf_matrix[3][3]   -0.00995973 
_atom_sites.fract_transf_vector[1]      0.583945 
_atom_sites.fract_transf_vector[2]      0.526760 
_atom_sites.fract_transf_vector[3]      0.129582 
# 
loop_
_atom_type.symbol 
C 
N 
O 
P 
S 
# 
loop_
_atom_site.group_PDB 
_atom_site.id 
_atom_site.type_symbol 
_atom_site.label_atom_id 
_atom_site.label_alt_id 
_atom_site.label_comp_id 
_atom_site.label_asym_id 
_atom_site.label_entity_id 
_atom_site.label_seq_id 
_atom_site.pdbx_PDB_ins_code 
_atom_site.Cartn_x 
_atom_site.Cartn_y 
_atom_site.Cartn_z 
_atom_site.occupancy 
_atom_site.B_iso_or_equiv 
_atom_site.pdbx_formal_charge 
_atom_site.auth_seq_id 
_atom_site.auth_comp_id 
_atom_site.auth_asym_id 
_atom_site.auth_atom_id 
_atom_site.pdbx_PDB_model_num 
ATOM   1   O "O5'" . DC  A 1 1  ? -16.073 7.239   -12.201 1.00 46.64 ? 1  DC  A "O5'" 1 
ATOM   2   C "C5'" . DC  A 1 1  ? -15.857 5.936   -11.637 1.00 33.89 ? 1  DC  A "C5'" 1 
ATOM   3   C "C4'" . DC  A 1 1  ? -14.721 5.218   -12.343 1.00 30.15 ? 1  DC  A "C4'" 1 
ATOM   4   O "O4'" . DC  A 1 1  ? -13.638 6.130   -12.540 1.00 25.84 ? 1  DC  A "O4'" 1 
ATOM   5   C "C3'" . DC  A 1 1  ? -14.102 4.221   -11.435 1.00 32.98 ? 1  DC  A "C3'" 1 
ATOM   6   O "O3'" . DC  A 1 1  ? -13.196 3.477   -12.209 1.00 40.09 ? 1  DC  A "O3'" 1 
ATOM   7   C "C2'" . DC  A 1 1  ? -13.287 5.143   -10.573 1.00 27.69 ? 1  DC  A "C2'" 1 
ATOM   8   C "C1'" . DC  A 1 1  ? -12.621 5.979   -11.589 1.00 21.51 ? 1  DC  A "C1'" 1 
ATOM   9   N N1    . DC  A 1 1  ? -12.191 7.296   -11.179 1.00 19.48 ? 1  DC  A N1    1 
ATOM   10  C C2    . DC  A 1 1  ? -11.203 7.904   -11.914 1.00 21.12 ? 1  DC  A C2    1 
ATOM   11  O O2    . DC  A 1 1  ? -10.733 7.445   -12.959 1.00 23.99 ? 1  DC  A O2    1 
ATOM   12  N N3    . DC  A 1 1  ? -10.747 9.087   -11.500 1.00 19.78 ? 1  DC  A N3    1 
ATOM   13  C C4    . DC  A 1 1  ? -11.237 9.657   -10.413 1.00 23.28 ? 1  DC  A C4    1 
ATOM   14  N N4    . DC  A 1 1  ? -10.680 10.781  -9.972  1.00 26.78 ? 1  DC  A N4    1 
ATOM   15  C C5    . DC  A 1 1  ? -12.275 9.054   -9.663  1.00 23.85 ? 1  DC  A C5    1 
ATOM   16  C C6    . DC  A 1 1  ? -12.717 7.864   -10.094 1.00 21.04 ? 1  DC  A C6    1 
ATOM   17  P P     . DG  A 1 2  ? -12.928 1.930   -11.905 1.00 49.05 ? 2  DG  A P     1 
ATOM   18  O OP1   . DG  A 1 2  ? -13.949 1.169   -12.664 1.00 46.62 ? 2  DG  A OP1   1 
ATOM   19  O OP2   . DG  A 1 2  ? -12.731 1.759   -10.429 1.00 45.99 ? 2  DG  A OP2   1 
ATOM   20  O "O5'" . DG  A 1 2  ? -11.522 1.703   -12.621 1.00 46.96 ? 2  DG  A "O5'" 1 
ATOM   21  C "C5'" . DG  A 1 2  ? -11.241 2.136   -13.961 1.00 38.03 ? 2  DG  A "C5'" 1 
ATOM   22  C "C4'" . DG  A 1 2  ? -9.767  2.407   -14.126 1.00 30.94 ? 2  DG  A "C4'" 1 
ATOM   23  O "O4'" . DG  A 1 2  ? -9.408  3.682   -13.610 1.00 32.25 ? 2  DG  A "O4'" 1 
ATOM   24  C "C3'" . DG  A 1 2  ? -8.982  1.395   -13.311 1.00 30.65 ? 2  DG  A "C3'" 1 
ATOM   25  O "O3'" . DG  A 1 2  ? -7.781  0.980   -13.908 1.00 36.30 ? 2  DG  A "O3'" 1 
ATOM   26  C "C2'" . DG  A 1 2  ? -8.539  2.218   -12.137 1.00 28.57 ? 2  DG  A "C2'" 1 
ATOM   27  C "C1'" . DG  A 1 2  ? -8.293  3.567   -12.728 1.00 25.72 ? 2  DG  A "C1'" 1 
ATOM   28  N N9    . DG  A 1 2  ? -8.471  4.566   -11.714 1.00 20.34 ? 2  DG  A N9    1 
ATOM   29  C C8    . DG  A 1 2  ? -9.406  4.562   -10.735 1.00 20.48 ? 2  DG  A C8    1 
ATOM   30  N N7    . DG  A 1 2  ? -9.325  5.608   -9.959  1.00 24.15 ? 2  DG  A N7    1 
ATOM   31  C C5    . DG  A 1 2  ? -8.252  6.343   -10.475 1.00 16.12 ? 2  DG  A C5    1 
ATOM   32  C C6    . DG  A 1 2  ? -7.691  7.551   -10.023 1.00 15.87 ? 2  DG  A C6    1 
ATOM   33  O O6    . DG  A 1 2  ? -8.099  8.299   -9.104  1.00 18.76 ? 2  DG  A O6    1 
ATOM   34  N N1    . DG  A 1 2  ? -6.599  7.909   -10.836 1.00 10.03 ? 2  DG  A N1    1 
ATOM   35  C C2    . DG  A 1 2  ? -6.127  7.215   -11.896 1.00 8.33  ? 2  DG  A C2    1 
ATOM   36  N N2    . DG  A 1 2  ? -5.105  7.692   -12.584 1.00 5.62  ? 2  DG  A N2    1 
ATOM   37  N N3    . DG  A 1 2  ? -6.683  6.092   -12.297 1.00 15.14 ? 2  DG  A N3    1 
ATOM   38  C C4    . DG  A 1 2  ? -7.711  5.696   -11.532 1.00 16.78 ? 2  DG  A C4    1 
ATOM   39  P P     . DC  A 1 3  ? -7.171  -0.460  -13.588 1.00 34.26 ? 3  DC  A P     1 
ATOM   40  O OP1   . DC  A 1 3  ? -7.446  -1.269  -14.806 1.00 30.76 ? 3  DC  A OP1   1 
ATOM   41  O OP2   . DC  A 1 3  ? -7.591  -0.912  -12.240 1.00 34.85 ? 3  DC  A OP2   1 
ATOM   42  O "O5'" . DC  A 1 3  ? -5.610  -0.114  -13.457 1.00 29.48 ? 3  DC  A "O5'" 1 
ATOM   43  C "C5'" . DC  A 1 3  ? -4.894  0.661   -14.401 1.00 27.78 ? 3  DC  A "C5'" 1 
ATOM   44  C "C4'" . DC  A 1 3  ? -4.035  1.696   -13.673 1.00 25.94 ? 3  DC  A "C4'" 1 
ATOM   45  O "O4'" . DC  A 1 3  ? -4.794  2.555   -12.893 1.00 24.10 ? 3  DC  A "O4'" 1 
ATOM   46  C "C3'" . DC  A 1 3  ? -3.029  1.210   -12.675 1.00 26.78 ? 3  DC  A "C3'" 1 
ATOM   47  O "O3'" . DC  A 1 3  ? -1.881  0.849   -13.421 1.00 33.42 ? 3  DC  A "O3'" 1 
ATOM   48  C "C2'" . DC  A 1 3  ? -2.706  2.495   -11.993 1.00 28.32 ? 3  DC  A "C2'" 1 
ATOM   49  C "C1'" . DC  A 1 3  ? -3.947  3.288   -12.009 1.00 18.11 ? 3  DC  A "C1'" 1 
ATOM   50  N N1    . DC  A 1 3  ? -4.555  3.439   -10.686 1.00 15.84 ? 3  DC  A N1    1 
ATOM   51  C C2    . DC  A 1 3  ? -4.331  4.588   -10.030 1.00 15.44 ? 3  DC  A C2    1 
ATOM   52  O O2    . DC  A 1 3  ? -3.542  5.443   -10.431 1.00 17.08 ? 3  DC  A O2    1 
ATOM   53  N N3    . DC  A 1 3  ? -5.106  4.858   -8.986  1.00 14.72 ? 3  DC  A N3    1 
ATOM   54  C C4    . DC  A 1 3  ? -6.054  4.074   -8.576  1.00 11.09 ? 3  DC  A C4    1 
ATOM   55  N N4    . DC  A 1 3  ? -6.836  4.510   -7.585  1.00 14.98 ? 3  DC  A N4    1 
ATOM   56  C C5    . DC  A 1 3  ? -6.293  2.881   -9.212  1.00 8.74  ? 3  DC  A C5    1 
ATOM   57  C C6    . DC  A 1 3  ? -5.507  2.587   -10.252 1.00 15.38 ? 3  DC  A C6    1 
ATOM   58  P P     . DG  A 1 4  ? -0.757  -0.110  -12.854 1.00 31.10 ? 4  DG  A P     1 
ATOM   59  O OP1   . DG  A 1 4  ? -0.267  -0.915  -13.965 1.00 37.50 ? 4  DG  A OP1   1 
ATOM   60  O OP2   . DG  A 1 4  ? -1.252  -0.757  -11.636 1.00 31.36 ? 4  DG  A OP2   1 
ATOM   61  O "O5'" . DG  A 1 4  ? 0.337   0.964   -12.420 1.00 30.66 ? 4  DG  A "O5'" 1 
ATOM   62  C "C5'" . DG  A 1 4  ? 0.875   2.093   -13.121 1.00 28.85 ? 4  DG  A "C5'" 1 
ATOM   63  C "C4'" . DG  A 1 4  ? 1.562   3.026   -12.099 1.00 30.16 ? 4  DG  A "C4'" 1 
ATOM   64  O "O4'" . DG  A 1 4  ? 0.694   3.742   -11.168 1.00 29.93 ? 4  DG  A "O4'" 1 
ATOM   65  C "C3'" . DG  A 1 4  ? 2.500   2.187   -11.205 1.00 30.86 ? 4  DG  A "C3'" 1 
ATOM   66  O "O3'" . DG  A 1 4  ? 3.482   3.043   -10.628 1.00 42.70 ? 4  DG  A "O3'" 1 
ATOM   67  C "C2'" . DG  A 1 4  ? 1.619   1.929   -10.040 1.00 25.76 ? 4  DG  A "C2'" 1 
ATOM   68  C "C1'" . DG  A 1 4  ? 0.893   3.222   -9.838  1.00 23.48 ? 4  DG  A "C1'" 1 
ATOM   69  N N9    . DG  A 1 4  ? -0.317  2.971   -9.064  1.00 17.88 ? 4  DG  A N9    1 
ATOM   70  C C8    . DG  A 1 4  ? -1.110  1.853   -8.986  1.00 15.41 ? 4  DG  A C8    1 
ATOM   71  N N7    . DG  A 1 4  ? -2.125  1.975   -8.165  1.00 18.91 ? 4  DG  A N7    1 
ATOM   72  C C5    . DG  A 1 4  ? -1.993  3.266   -7.675  1.00 13.99 ? 4  DG  A C5    1 
ATOM   73  C C6    . DG  A 1 4  ? -2.796  3.958   -6.765  1.00 19.24 ? 4  DG  A C6    1 
ATOM   74  O O6    . DG  A 1 4  ? -3.780  3.539   -6.159  1.00 22.33 ? 4  DG  A O6    1 
ATOM   75  N N1    . DG  A 1 4  ? -2.309  5.234   -6.536  1.00 18.83 ? 4  DG  A N1    1 
ATOM   76  C C2    . DG  A 1 4  ? -1.168  5.784   -7.130  1.00 21.44 ? 4  DG  A C2    1 
ATOM   77  N N2    . DG  A 1 4  ? -0.737  6.976   -6.728  1.00 21.25 ? 4  DG  A N2    1 
ATOM   78  N N3    . DG  A 1 4  ? -0.422  5.127   -7.998  1.00 20.24 ? 4  DG  A N3    1 
ATOM   79  C C4    . DG  A 1 4  ? -0.893  3.880   -8.222  1.00 18.01 ? 4  DG  A C4    1 
ATOM   80  P P     . DA  A 1 5  ? 4.894   2.622   -9.973  1.00 44.48 ? 5  DA  A P     1 
ATOM   81  O OP1   . DA  A 1 5  ? 5.914   2.957   -11.001 1.00 46.38 ? 5  DA  A OP1   1 
ATOM   82  O OP2   . DA  A 1 5  ? 4.813   1.263   -9.358  1.00 42.19 ? 5  DA  A OP2   1 
ATOM   83  O "O5'" . DA  A 1 5  ? 4.979   3.705   -8.813  1.00 39.73 ? 5  DA  A "O5'" 1 
ATOM   84  C "C5'" . DA  A 1 5  ? 4.895   5.089   -9.131  1.00 32.20 ? 5  DA  A "C5'" 1 
ATOM   85  C "C4'" . DA  A 1 5  ? 4.599   5.855   -7.877  1.00 27.84 ? 5  DA  A "C4'" 1 
ATOM   86  O "O4'" . DA  A 1 5  ? 3.282   5.613   -7.378  1.00 25.26 ? 5  DA  A "O4'" 1 
ATOM   87  C "C3'" . DA  A 1 5  ? 5.563   5.398   -6.784  1.00 28.73 ? 5  DA  A "C3'" 1 
ATOM   88  O "O3'" . DA  A 1 5  ? 5.733   6.579   -6.057  1.00 28.86 ? 5  DA  A "O3'" 1 
ATOM   89  C "C2'" . DA  A 1 5  ? 4.732   4.395   -5.991  1.00 24.91 ? 5  DA  A "C2'" 1 
ATOM   90  C "C1'" . DA  A 1 5  ? 3.319   4.988   -6.091  1.00 22.96 ? 5  DA  A "C1'" 1 
ATOM   91  N N9    . DA  A 1 5  ? 2.271   3.965   -5.916  1.00 21.76 ? 5  DA  A N9    1 
ATOM   92  C C8    . DA  A 1 5  ? 2.260   2.716   -6.466  1.00 24.26 ? 5  DA  A C8    1 
ATOM   93  N N7    . DA  A 1 5  ? 1.256   2.000   -6.074  1.00 23.65 ? 5  DA  A N7    1 
ATOM   94  C C5    . DA  A 1 5  ? 0.542   2.830   -5.208  1.00 15.99 ? 5  DA  A C5    1 
ATOM   95  C C6    . DA  A 1 5  ? -0.618  2.615   -4.479  1.00 14.55 ? 5  DA  A C6    1 
ATOM   96  N N6    . DA  A 1 5  ? -1.327  1.481   -4.572  1.00 18.19 ? 5  DA  A N6    1 
ATOM   97  N N1    . DA  A 1 5  ? -1.047  3.603   -3.701  1.00 15.57 ? 5  DA  A N1    1 
ATOM   98  C C2    . DA  A 1 5  ? -0.370  4.749   -3.666  1.00 18.06 ? 5  DA  A C2    1 
ATOM   99  N N3    . DA  A 1 5  ? 0.728   5.073   -4.323  1.00 20.48 ? 5  DA  A N3    1 
ATOM   100 C C4    . DA  A 1 5  ? 1.152   4.035   -5.086  1.00 16.76 ? 5  DA  A C4    1 
ATOM   101 P P     . DA  A 1 6  ? 6.911   6.838   -5.051  1.00 29.43 ? 6  DA  A P     1 
ATOM   102 O OP1   . DA  A 1 6  ? 7.372   8.194   -5.365  1.00 33.30 ? 6  DA  A OP1   1 
ATOM   103 O OP2   . DA  A 1 6  ? 7.827   5.675   -5.125  1.00 33.78 ? 6  DA  A OP2   1 
ATOM   104 O "O5'" . DA  A 1 6  ? 6.132   6.867   -3.667  1.00 26.84 ? 6  DA  A "O5'" 1 
ATOM   105 C "C5'" . DA  A 1 6  ? 5.318   7.940   -3.257  1.00 22.32 ? 6  DA  A "C5'" 1 
ATOM   106 C "C4'" . DA  A 1 6  ? 4.538   7.604   -2.016  1.00 17.40 ? 6  DA  A "C4'" 1 
ATOM   107 O "O4'" . DA  A 1 6  ? 3.676   6.526   -2.313  1.00 21.21 ? 6  DA  A "O4'" 1 
ATOM   108 C "C3'" . DA  A 1 6  ? 5.416   7.190   -0.897  1.00 17.28 ? 6  DA  A "C3'" 1 
ATOM   109 O "O3'" . DA  A 1 6  ? 5.222   8.107   0.174   1.00 21.87 ? 6  DA  A "O3'" 1 
ATOM   110 C "C2'" . DA  A 1 6  ? 5.046   5.747   -0.666  1.00 19.18 ? 6  DA  A "C2'" 1 
ATOM   111 C "C1'" . DA  A 1 6  ? 3.657   5.590   -1.235  1.00 18.68 ? 6  DA  A "C1'" 1 
ATOM   112 N N9    . DA  A 1 6  ? 3.228   4.219   -1.664  1.00 15.50 ? 6  DA  A N9    1 
ATOM   113 C C8    . DA  A 1 6  ? 3.836   3.345   -2.529  1.00 12.65 ? 6  DA  A C8    1 
ATOM   114 N N7    . DA  A 1 6  ? 3.164   2.235   -2.706  1.00 14.18 ? 6  DA  A N7    1 
ATOM   115 C C5    . DA  A 1 6  ? 2.028   2.370   -1.909  1.00 12.05 ? 6  DA  A C5    1 
ATOM   116 C C6    . DA  A 1 6  ? 0.930   1.548   -1.684  1.00 18.20 ? 6  DA  A C6    1 
ATOM   117 N N6    . DA  A 1 6  ? 0.849   0.387   -2.319  1.00 23.64 ? 6  DA  A N6    1 
ATOM   118 N N1    . DA  A 1 6  ? -0.045  1.924   -0.856  1.00 16.29 ? 6  DA  A N1    1 
ATOM   119 C C2    . DA  A 1 6  ? 0.071   3.108   -0.282  1.00 15.00 ? 6  DA  A C2    1 
ATOM   120 N N3    . DA  A 1 6  ? 1.048   3.986   -0.398  1.00 21.57 ? 6  DA  A N3    1 
ATOM   121 C C4    . DA  A 1 6  ? 2.026   3.568   -1.264  1.00 18.50 ? 6  DA  A C4    1 
HETATM 122 P P     . T49 A 1 7  ? 6.128   8.024   1.504   1.00 24.56 ? 7  T49 A P     1 
HETATM 123 O O1P   . T49 A 1 7  ? 6.183   9.372   2.144   1.00 24.43 ? 7  T49 A O1P   1 
HETATM 124 O O2P   . T49 A 1 7  ? 7.365   7.221   1.282   1.00 24.86 ? 7  T49 A O2P   1 
HETATM 125 O "O5'" . T49 A 1 7  ? 5.173   7.100   2.365   1.00 32.39 ? 7  T49 A "O5'" 1 
HETATM 126 C "C5'" . T49 A 1 7  ? 4.087   7.596   3.200   1.00 27.67 ? 7  T49 A "C5'" 1 
HETATM 127 C "C4'" . T49 A 1 7  ? 3.215   6.483   3.726   1.00 22.20 ? 7  T49 A "C4'" 1 
HETATM 128 C "C3'" . T49 A 1 7  ? 4.067   5.662   4.673   1.00 26.93 ? 7  T49 A "C3'" 1 
HETATM 129 O "O3'" . T49 A 1 7  ? 3.252   5.390   5.750   1.00 38.48 ? 7  T49 A "O3'" 1 
HETATM 130 C "C2'" . T49 A 1 7  ? 4.616   4.403   4.059   1.00 25.62 ? 7  T49 A "C2'" 1 
HETATM 131 C "C1'" . T49 A 1 7  ? 3.631   4.006   3.002   1.00 20.72 ? 7  T49 A "C1'" 1 
HETATM 132 N N1    . T49 A 1 7  ? 3.672   2.811   2.243   1.00 19.21 ? 7  T49 A N1    1 
HETATM 133 C C2    . T49 A 1 7  ? 2.590   1.974   2.217   1.00 20.61 ? 7  T49 A C2    1 
HETATM 134 O O2    . T49 A 1 7  ? 1.569   2.221   2.849   1.00 32.77 ? 7  T49 A O2    1 
HETATM 135 N N3    . T49 A 1 7  ? 2.671   0.886   1.365   1.00 17.79 ? 7  T49 A N3    1 
HETATM 136 C C4    . T49 A 1 7  ? 3.720   0.604   0.567   1.00 18.80 ? 7  T49 A C4    1 
HETATM 137 O O4    . T49 A 1 7  ? 3.585   -0.362  -0.206  1.00 24.38 ? 7  T49 A O4    1 
HETATM 138 C C5    . T49 A 1 7  ? 4.846   1.528   0.675   1.00 16.74 ? 7  T49 A C5    1 
HETATM 139 C C5M   . T49 A 1 7  ? 6.120   1.336   -0.074  1.00 15.24 ? 7  T49 A C5M   1 
HETATM 140 C C6    . T49 A 1 7  ? 4.763   2.571   1.493   1.00 18.84 ? 7  T49 A C6    1 
HETATM 141 S S     . T49 A 1 7  ? 2.591   5.376   2.388   1.00 25.30 ? 7  T49 A S     1 
HETATM 142 P P     . T49 A 1 8  ? 3.521   6.364   6.964   1.00 51.05 ? 8  T49 A P     1 
HETATM 143 O O1P   . T49 A 1 8  ? 3.244   7.791   6.598   1.00 47.72 ? 8  T49 A O1P   1 
HETATM 144 O O2P   . T49 A 1 8  ? 4.859   5.965   7.556   1.00 48.77 ? 8  T49 A O2P   1 
HETATM 145 O "O5'" . T49 A 1 8  ? 2.385   5.919   7.971   1.00 49.46 ? 8  T49 A "O5'" 1 
HETATM 146 C "C5'" . T49 A 1 8  ? 2.533   4.586   8.502   1.00 45.06 ? 8  T49 A "C5'" 1 
HETATM 147 C "C4'" . T49 A 1 8  ? 1.299   3.763   8.404   1.00 38.83 ? 8  T49 A "C4'" 1 
HETATM 148 C "C3'" . T49 A 1 8  ? 1.455   2.544   9.301   1.00 40.72 ? 8  T49 A "C3'" 1 
HETATM 149 O "O3'" . T49 A 1 8  ? 0.148   2.164   9.731   1.00 46.65 ? 8  T49 A "O3'" 1 
HETATM 150 C "C2'" . T49 A 1 8  ? 2.153   1.391   8.559   1.00 36.79 ? 8  T49 A "C2'" 1 
HETATM 151 C "C1'" . T49 A 1 8  ? 1.931   1.593   7.099   1.00 31.05 ? 8  T49 A "C1'" 1 
HETATM 152 N N1    . T49 A 1 8  ? 2.627   0.808   6.141   1.00 27.81 ? 8  T49 A N1    1 
HETATM 153 C C2    . T49 A 1 8  ? 2.051   -0.298  5.549   1.00 26.07 ? 8  T49 A C2    1 
HETATM 154 O O2    . T49 A 1 8  ? 0.933   -0.684  5.807   1.00 33.29 ? 8  T49 A O2    1 
HETATM 155 N N3    . T49 A 1 8  ? 2.803   -0.972  4.619   1.00 24.88 ? 8  T49 A N3    1 
HETATM 156 C C4    . T49 A 1 8  ? 4.085   -0.619  4.248   1.00 28.29 ? 8  T49 A C4    1 
HETATM 157 O O4    . T49 A 1 8  ? 4.636   -1.204  3.316   1.00 33.41 ? 8  T49 A O4    1 
HETATM 158 C C5    . T49 A 1 8  ? 4.602   0.558   4.932   1.00 24.81 ? 8  T49 A C5    1 
HETATM 159 C C5M   . T49 A 1 8  ? 5.998   1.024   4.711   1.00 26.46 ? 8  T49 A C5M   1 
HETATM 160 C C6    . T49 A 1 8  ? 3.870   1.210   5.824   1.00 26.81 ? 8  T49 A C6    1 
HETATM 161 S S     . T49 A 1 8  ? 1.120   3.143   6.703   1.00 32.76 ? 8  T49 A S     1 
ATOM   162 P P     . DC  A 1 9  ? -0.178  1.357   11.073  1.00 46.47 ? 9  DC  A P     1 
ATOM   163 O OP1   . DC  A 1 9  ? -0.681  2.333   12.072  1.00 52.05 ? 9  DC  A OP1   1 
ATOM   164 O OP2   . DC  A 1 9  ? 0.922   0.442   11.440  1.00 45.92 ? 9  DC  A OP2   1 
ATOM   165 O "O5'" . DC  A 1 9  ? -1.433  0.545   10.433  1.00 42.35 ? 9  DC  A "O5'" 1 
ATOM   166 C "C5'" . DC  A 1 9  ? -1.200  -0.219  9.243   1.00 38.53 ? 9  DC  A "C5'" 1 
ATOM   167 C "C4'" . DC  A 1 9  ? -1.726  -1.568  9.298   1.00 40.03 ? 9  DC  A "C4'" 1 
ATOM   168 O "O4'" . DC  A 1 9  ? -0.980  -2.330  8.345   1.00 40.37 ? 9  DC  A "O4'" 1 
ATOM   169 C "C3'" . DC  A 1 9  ? -1.488  -2.204  10.599  1.00 43.30 ? 9  DC  A "C3'" 1 
ATOM   170 O "O3'" . DC  A 1 9  ? -2.453  -3.210  10.618  1.00 50.55 ? 9  DC  A "O3'" 1 
ATOM   171 C "C2'" . DC  A 1 9  ? -0.130  -2.800  10.462  1.00 44.89 ? 9  DC  A "C2'" 1 
ATOM   172 C "C1'" . DC  A 1 9  ? -0.077  -3.252  8.981   1.00 40.14 ? 9  DC  A "C1'" 1 
ATOM   173 N N1    . DC  A 1 9  ? 1.314   -3.230  8.396   1.00 33.10 ? 9  DC  A N1    1 
ATOM   174 C C2    . DC  A 1 9  ? 1.654   -4.120  7.408   1.00 33.91 ? 9  DC  A C2    1 
ATOM   175 O O2    . DC  A 1 9  ? 0.899   -4.998  7.001   1.00 33.25 ? 9  DC  A O2    1 
ATOM   176 N N3    . DC  A 1 9  ? 2.909   -4.025  6.854   1.00 31.76 ? 9  DC  A N3    1 
ATOM   177 C C4    . DC  A 1 9  ? 3.759   -3.115  7.291   1.00 30.42 ? 9  DC  A C4    1 
ATOM   178 N N4    . DC  A 1 9  ? 4.922   -3.003  6.707   1.00 32.77 ? 9  DC  A N4    1 
ATOM   179 C C5    . DC  A 1 9  ? 3.437   -2.201  8.310   1.00 31.79 ? 9  DC  A C5    1 
ATOM   180 C C6    . DC  A 1 9  ? 2.205   -2.299  8.836   1.00 32.47 ? 9  DC  A C6    1 
ATOM   181 P P     . DG  A 1 10 ? -2.927  -3.965  11.965  1.00 53.66 ? 10 DG  A P     1 
ATOM   182 O OP1   . DG  A 1 10 ? -4.405  -4.189  11.809  1.00 51.68 ? 10 DG  A OP1   1 
ATOM   183 O OP2   . DG  A 1 10 ? -2.351  -3.279  13.195  1.00 49.25 ? 10 DG  A OP2   1 
ATOM   184 O "O5'" . DG  A 1 10 ? -2.137  -5.352  11.728  1.00 45.16 ? 10 DG  A "O5'" 1 
ATOM   185 C "C5'" . DG  A 1 10 ? -2.523  -6.219  10.668  1.00 41.60 ? 10 DG  A "C5'" 1 
ATOM   186 C "C4'" . DG  A 1 10 ? -1.709  -7.504  10.642  1.00 39.95 ? 10 DG  A "C4'" 1 
ATOM   187 O "O4'" . DG  A 1 10 ? -0.453  -7.267  10.028  1.00 37.29 ? 10 DG  A "O4'" 1 
ATOM   188 C "C3'" . DG  A 1 10 ? -1.420  -8.095  12.036  1.00 39.97 ? 10 DG  A "C3'" 1 
ATOM   189 O "O3'" . DG  A 1 10 ? -1.181  -9.511  11.913  1.00 45.48 ? 10 DG  A "O3'" 1 
ATOM   190 C "C2'" . DG  A 1 10 ? -0.132  -7.378  12.375  1.00 36.45 ? 10 DG  A "C2'" 1 
ATOM   191 C "C1'" . DG  A 1 10 ? 0.550   -7.389  11.045  1.00 33.83 ? 10 DG  A "C1'" 1 
ATOM   192 N N9    . DG  A 1 10 ? 1.681   -6.454  10.886  1.00 29.34 ? 10 DG  A N9    1 
ATOM   193 C C8    . DG  A 1 10 ? 2.034   -5.313  11.554  1.00 26.55 ? 10 DG  A C8    1 
ATOM   194 N N7    . DG  A 1 10 ? 3.157   -4.799  11.178  1.00 22.31 ? 10 DG  A N7    1 
ATOM   195 C C5    . DG  A 1 10 ? 3.581   -5.683  10.182  1.00 24.12 ? 10 DG  A C5    1 
ATOM   196 C C6    . DG  A 1 10 ? 4.754   -5.688  9.385   1.00 23.00 ? 10 DG  A C6    1 
ATOM   197 O O6    . DG  A 1 10 ? 5.691   -4.886  9.398   1.00 29.04 ? 10 DG  A O6    1 
ATOM   198 N N1    . DG  A 1 10 ? 4.753   -6.752  8.513   1.00 19.90 ? 10 DG  A N1    1 
ATOM   199 C C2    . DG  A 1 10 ? 3.775   -7.708  8.412   1.00 19.04 ? 10 DG  A C2    1 
ATOM   200 N N2    . DG  A 1 10 ? 3.910   -8.716  7.562   1.00 22.71 ? 10 DG  A N2    1 
ATOM   201 N N3    . DG  A 1 10 ? 2.703   -7.710  9.131   1.00 23.02 ? 10 DG  A N3    1 
ATOM   202 C C4    . DG  A 1 10 ? 2.676   -6.680  10.007  1.00 24.54 ? 10 DG  A C4    1 
ATOM   203 P P     . DC  A 1 11 ? -2.353  -10.628 12.140  1.00 49.83 ? 11 DC  A P     1 
ATOM   204 O OP1   . DC  A 1 11 ? -3.689  -10.082 11.765  1.00 50.46 ? 11 DC  A OP1   1 
ATOM   205 O OP2   . DC  A 1 11 ? -2.138  -11.232 13.469  1.00 45.24 ? 11 DC  A OP2   1 
ATOM   206 O "O5'" . DC  A 1 11 ? -1.931  -11.727 11.041  1.00 50.25 ? 11 DC  A "O5'" 1 
ATOM   207 C "C5'" . DC  A 1 11 ? -2.140  -11.514 9.616   1.00 48.76 ? 11 DC  A "C5'" 1 
ATOM   208 C "C4'" . DC  A 1 11 ? -1.028  -12.121 8.733   1.00 46.12 ? 11 DC  A "C4'" 1 
ATOM   209 O "O4'" . DC  A 1 11 ? 0.205   -11.380 8.754   1.00 42.42 ? 11 DC  A "O4'" 1 
ATOM   210 C "C3'" . DC  A 1 11 ? -0.694  -13.532 9.201   1.00 45.80 ? 11 DC  A "C3'" 1 
ATOM   211 O "O3'" . DC  A 1 11 ? -0.319  -14.341 8.094   1.00 54.73 ? 11 DC  A "O3'" 1 
ATOM   212 C "C2'" . DC  A 1 11 ? 0.492   -13.285 10.036  1.00 39.75 ? 11 DC  A "C2'" 1 
ATOM   213 C "C1'" . DC  A 1 11 ? 1.230   -12.214 9.271   1.00 35.31 ? 11 DC  A "C1'" 1 
ATOM   214 N N1    . DC  A 1 11 ? 2.099   -11.420 10.128  1.00 29.50 ? 11 DC  A N1    1 
ATOM   215 C C2    . DC  A 1 11 ? 3.354   -11.121 9.711   1.00 27.81 ? 11 DC  A C2    1 
ATOM   216 O O2    . DC  A 1 11 ? 3.878   -11.672 8.744   1.00 32.40 ? 11 DC  A O2    1 
ATOM   217 N N3    . DC  A 1 11 ? 4.118   -10.309 10.480  1.00 26.66 ? 11 DC  A N3    1 
ATOM   218 C C4    . DC  A 1 11 ? 3.673   -9.840  11.633  1.00 27.73 ? 11 DC  A C4    1 
ATOM   219 N N4    . DC  A 1 11 ? 4.459   -9.115  12.423  1.00 28.56 ? 11 DC  A N4    1 
ATOM   220 C C5    . DC  A 1 11 ? 2.370   -10.164 12.081  1.00 30.78 ? 11 DC  A C5    1 
ATOM   221 C C6    . DC  A 1 11 ? 1.629   -10.950 11.287  1.00 30.94 ? 11 DC  A C6    1 
ATOM   222 P P     . DG  A 1 12 ? -0.384  -15.967 8.203   1.00 63.23 ? 12 DG  A P     1 
ATOM   223 O OP1   . DG  A 1 12 ? -0.828  -16.531 6.889   1.00 58.87 ? 12 DG  A OP1   1 
ATOM   224 O OP2   . DG  A 1 12 ? -1.041  -16.392 9.473   1.00 61.49 ? 12 DG  A OP2   1 
ATOM   225 O "O5'" . DG  A 1 12 ? 1.201   -16.276 8.422   1.00 61.74 ? 12 DG  A "O5'" 1 
ATOM   226 C "C5'" . DG  A 1 12 ? 2.172   -16.153 7.366   1.00 56.03 ? 12 DG  A "C5'" 1 
ATOM   227 C "C4'" . DG  A 1 12 ? 3.553   -16.423 7.895   1.00 49.75 ? 12 DG  A "C4'" 1 
ATOM   228 O "O4'" . DG  A 1 12 ? 3.965   -15.426 8.803   1.00 43.94 ? 12 DG  A "O4'" 1 
ATOM   229 C "C3'" . DG  A 1 12 ? 3.552   -17.718 8.661   1.00 49.51 ? 12 DG  A "C3'" 1 
ATOM   230 O "O3'" . DG  A 1 12 ? 4.014   -18.741 7.754   1.00 56.05 ? 12 DG  A "O3'" 1 
ATOM   231 C "C2'" . DG  A 1 12 ? 4.309   -17.421 9.957   1.00 45.58 ? 12 DG  A "C2'" 1 
ATOM   232 C "C1'" . DG  A 1 12 ? 4.846   -16.018 9.742   1.00 41.56 ? 12 DG  A "C1'" 1 
ATOM   233 N N9    . DG  A 1 12 ? 4.847   -15.094 10.874  1.00 36.40 ? 12 DG  A N9    1 
ATOM   234 C C8    . DG  A 1 12 ? 3.904   -14.941 11.836  1.00 38.64 ? 12 DG  A C8    1 
ATOM   235 N N7    . DG  A 1 12 ? 4.135   -13.984 12.688  1.00 34.95 ? 12 DG  A N7    1 
ATOM   236 C C5    . DG  A 1 12 ? 5.324   -13.455 12.247  1.00 34.68 ? 12 DG  A C5    1 
ATOM   237 C C6    . DG  A 1 12 ? 6.059   -12.390 12.785  1.00 36.30 ? 12 DG  A C6    1 
ATOM   238 O O6    . DG  A 1 12 ? 5.760   -11.705 13.763  1.00 37.40 ? 12 DG  A O6    1 
ATOM   239 N N1    . DG  A 1 12 ? 7.215   -12.139 12.073  1.00 36.18 ? 12 DG  A N1    1 
ATOM   240 C C2    . DG  A 1 12 ? 7.630   -12.839 10.971  1.00 38.75 ? 12 DG  A C2    1 
ATOM   241 N N2    . DG  A 1 12 ? 8.801   -12.478 10.420  1.00 41.02 ? 12 DG  A N2    1 
ATOM   242 N N3    . DG  A 1 12 ? 6.928   -13.857 10.440  1.00 41.54 ? 12 DG  A N3    1 
ATOM   243 C C4    . DG  A 1 12 ? 5.780   -14.116 11.136  1.00 37.62 ? 12 DG  A C4    1 
ATOM   244 O "O5'" . DC  B 1 1  ? 13.465  -6.514  15.225  1.00 69.53 ? 13 DC  B "O5'" 1 
ATOM   245 C "C5'" . DC  B 1 1  ? 14.570  -7.248  14.666  1.00 65.12 ? 13 DC  B "C5'" 1 
ATOM   246 C "C4'" . DC  B 1 1  ? 14.227  -8.003  13.374  1.00 61.17 ? 13 DC  B "C4'" 1 
ATOM   247 O "O4'" . DC  B 1 1  ? 13.179  -8.964  13.617  1.00 60.94 ? 13 DC  B "O4'" 1 
ATOM   248 C "C3'" . DC  B 1 1  ? 13.674  -7.075  12.293  1.00 60.40 ? 13 DC  B "C3'" 1 
ATOM   249 O "O3'" . DC  B 1 1  ? 13.881  -7.637  11.021  1.00 60.00 ? 13 DC  B "O3'" 1 
ATOM   250 C "C2'" . DC  B 1 1  ? 12.194  -7.204  12.490  1.00 59.46 ? 13 DC  B "C2'" 1 
ATOM   251 C "C1'" . DC  B 1 1  ? 12.034  -8.669  12.784  1.00 57.71 ? 13 DC  B "C1'" 1 
ATOM   252 N N1    . DC  B 1 1  ? 10.751  -8.953  13.439  1.00 56.87 ? 13 DC  B N1    1 
ATOM   253 C C2    . DC  B 1 1  ? 9.879   -9.848  12.834  1.00 55.47 ? 13 DC  B C2    1 
ATOM   254 O O2    . DC  B 1 1  ? 10.139  -10.444 11.794  1.00 52.45 ? 13 DC  B O2    1 
ATOM   255 N N3    . DC  B 1 1  ? 8.711   -10.134 13.478  1.00 55.84 ? 13 DC  B N3    1 
ATOM   256 C C4    . DC  B 1 1  ? 8.412   -9.606  14.670  1.00 56.89 ? 13 DC  B C4    1 
ATOM   257 N N4    . DC  B 1 1  ? 7.255   -9.938  15.240  1.00 61.02 ? 13 DC  B N4    1 
ATOM   258 C C5    . DC  B 1 1  ? 9.306   -8.692  15.304  1.00 58.27 ? 13 DC  B C5    1 
ATOM   259 C C6    . DC  B 1 1  ? 10.453  -8.402  14.654  1.00 58.31 ? 13 DC  B C6    1 
ATOM   260 P P     . DG  B 1 2  ? 14.953  -6.972  10.085  1.00 59.50 ? 14 DG  B P     1 
ATOM   261 O OP1   . DG  B 1 2  ? 16.276  -7.475  10.540  1.00 60.20 ? 14 DG  B OP1   1 
ATOM   262 O OP2   . DG  B 1 2  ? 14.634  -5.515  10.002  1.00 52.18 ? 14 DG  B OP2   1 
ATOM   263 O "O5'" . DG  B 1 2  ? 14.675  -7.637  8.666   1.00 51.96 ? 14 DG  B "O5'" 1 
ATOM   264 C "C5'" . DG  B 1 2  ? 14.821  -9.041  8.512   1.00 44.75 ? 14 DG  B "C5'" 1 
ATOM   265 C "C4'" . DG  B 1 2  ? 13.697  -9.633  7.694   1.00 39.50 ? 14 DG  B "C4'" 1 
ATOM   266 O "O4'" . DG  B 1 2  ? 12.501  -9.750  8.460   1.00 37.51 ? 14 DG  B "O4'" 1 
ATOM   267 C "C3'" . DG  B 1 2  ? 13.427  -8.729  6.504   1.00 35.87 ? 14 DG  B "C3'" 1 
ATOM   268 O "O3'" . DG  B 1 2  ? 13.060  -9.413  5.349   1.00 37.06 ? 14 DG  B "O3'" 1 
ATOM   269 C "C2'" . DG  B 1 2  ? 12.115  -8.178  6.919   1.00 39.57 ? 14 DG  B "C2'" 1 
ATOM   270 C "C1'" . DG  B 1 2  ? 11.427  -9.307  7.645   1.00 35.58 ? 14 DG  B "C1'" 1 
ATOM   271 N N9    . DG  B 1 2  ? 10.338  -8.743  8.439   1.00 31.55 ? 14 DG  B N9    1 
ATOM   272 C C8    . DG  B 1 2  ? 10.382  -7.629  9.223   1.00 27.69 ? 14 DG  B C8    1 
ATOM   273 N N7    . DG  B 1 2  ? 9.289   -7.402  9.878   1.00 27.83 ? 14 DG  B N7    1 
ATOM   274 C C5    . DG  B 1 2  ? 8.458   -8.434  9.502   1.00 25.82 ? 14 DG  B C5    1 
ATOM   275 C C6    . DG  B 1 2  ? 7.127   -8.693  9.895   1.00 30.85 ? 14 DG  B C6    1 
ATOM   276 O O6    . DG  B 1 2  ? 6.440   -8.107  10.735  1.00 33.62 ? 14 DG  B O6    1 
ATOM   277 N N1    . DG  B 1 2  ? 6.639   -9.820  9.285   1.00 29.79 ? 14 DG  B N1    1 
ATOM   278 C C2    . DG  B 1 2  ? 7.332   -10.575 8.395   1.00 29.38 ? 14 DG  B C2    1 
ATOM   279 N N2    . DG  B 1 2  ? 6.668   -11.578 7.872   1.00 36.54 ? 14 DG  B N2    1 
ATOM   280 N N3    . DG  B 1 2  ? 8.591   -10.364 8.020   1.00 29.13 ? 14 DG  B N3    1 
ATOM   281 C C4    . DG  B 1 2  ? 9.086   -9.259  8.605   1.00 28.23 ? 14 DG  B C4    1 
ATOM   282 P P     . DC  B 1 3  ? 13.268  -8.727  3.966   1.00 32.97 ? 15 DC  B P     1 
ATOM   283 O OP1   . DC  B 1 3  ? 14.405  -9.382  3.343   1.00 33.15 ? 15 DC  B OP1   1 
ATOM   284 O OP2   . DC  B 1 3  ? 13.209  -7.271  4.122   1.00 30.43 ? 15 DC  B OP2   1 
ATOM   285 O "O5'" . DC  B 1 3  ? 11.996  -9.158  3.154   1.00 34.77 ? 15 DC  B "O5'" 1 
ATOM   286 C "C5'" . DC  B 1 3  ? 11.470  -10.490 3.142   1.00 30.07 ? 15 DC  B "C5'" 1 
ATOM   287 C "C4'" . DC  B 1 3  ? 9.978   -10.428 3.455   1.00 28.01 ? 15 DC  B "C4'" 1 
ATOM   288 O "O4'" . DC  B 1 3  ? 9.730   -9.679  4.634   1.00 29.92 ? 15 DC  B "O4'" 1 
ATOM   289 C "C3'" . DC  B 1 3  ? 9.193   -9.646  2.443   1.00 26.80 ? 15 DC  B "C3'" 1 
ATOM   290 O "O3'" . DC  B 1 3  ? 8.961   -10.532 1.397   1.00 31.82 ? 15 DC  B "O3'" 1 
ATOM   291 C "C2'" . DC  B 1 3  ? 7.949   -9.294  3.150   1.00 27.14 ? 15 DC  B "C2'" 1 
ATOM   292 C "C1'" . DC  B 1 3  ? 8.367   -9.256  4.557   1.00 23.50 ? 15 DC  B "C1'" 1 
ATOM   293 N N1    . DC  B 1 3  ? 8.158   -7.994  5.186   1.00 16.64 ? 15 DC  B N1    1 
ATOM   294 C C2    . DC  B 1 3  ? 7.093   -7.884  6.007   1.00 19.98 ? 15 DC  B C2    1 
ATOM   295 O O2    . DC  B 1 3  ? 6.269   -8.775  6.081   1.00 23.21 ? 15 DC  B O2    1 
ATOM   296 N N3    . DC  B 1 3  ? 6.935   -6.770  6.757   1.00 20.31 ? 15 DC  B N3    1 
ATOM   297 C C4    . DC  B 1 3  ? 7.829   -5.772  6.688   1.00 23.82 ? 15 DC  B C4    1 
ATOM   298 N N4    . DC  B 1 3  ? 7.657   -4.644  7.399   1.00 27.76 ? 15 DC  B N4    1 
ATOM   299 C C5    . DC  B 1 3  ? 8.945   -5.876  5.815   1.00 22.37 ? 15 DC  B C5    1 
ATOM   300 C C6    . DC  B 1 3  ? 9.054   -7.011  5.084   1.00 21.85 ? 15 DC  B C6    1 
ATOM   301 P P     . DG  B 1 4  ? 8.593   -10.073 -0.081  1.00 33.86 ? 16 DG  B P     1 
ATOM   302 O OP1   . DG  B 1 4  ? 9.174   -11.084 -1.011  1.00 32.16 ? 16 DG  B OP1   1 
ATOM   303 O OP2   . DG  B 1 4  ? 8.854   -8.613  -0.237  1.00 36.14 ? 16 DG  B OP2   1 
ATOM   304 O "O5'" . DG  B 1 4  ? 6.992   -10.251 -0.047  1.00 36.28 ? 16 DG  B "O5'" 1 
ATOM   305 C "C5'" . DG  B 1 4  ? 6.289   -11.478 0.160   1.00 29.76 ? 16 DG  B "C5'" 1 
ATOM   306 C "C4'" . DG  B 1 4  ? 4.928   -11.159 0.680   1.00 26.56 ? 16 DG  B "C4'" 1 
ATOM   307 O "O4'" . DG  B 1 4  ? 5.060   -10.281 1.806   1.00 24.12 ? 16 DG  B "O4'" 1 
ATOM   308 C "C3'" . DG  B 1 4  ? 4.030   -10.586 -0.398  1.00 30.93 ? 16 DG  B "C3'" 1 
ATOM   309 O "O3'" . DG  B 1 4  ? 2.827   -11.383 -0.532  1.00 38.00 ? 16 DG  B "O3'" 1 
ATOM   310 C "C2'" . DG  B 1 4  ? 3.842   -9.158  0.097   1.00 28.83 ? 16 DG  B "C2'" 1 
ATOM   311 C "C1'" . DG  B 1 4  ? 4.164   -9.202  1.596   1.00 22.56 ? 16 DG  B "C1'" 1 
ATOM   312 N N9    . DG  B 1 4  ? 4.813   -7.971  2.035   1.00 19.16 ? 16 DG  B N9    1 
ATOM   313 C C8    . DG  B 1 4  ? 5.856   -7.253  1.519   1.00 18.65 ? 16 DG  B C8    1 
ATOM   314 N N7    . DG  B 1 4  ? 6.125   -6.178  2.210   1.00 18.77 ? 16 DG  B N7    1 
ATOM   315 C C5    . DG  B 1 4  ? 5.177   -6.196  3.234   1.00 14.21 ? 16 DG  B C5    1 
ATOM   316 C C6    . DG  B 1 4  ? 4.943   -5.294  4.297   1.00 18.69 ? 16 DG  B C6    1 
ATOM   317 O O6    . DG  B 1 4  ? 5.554   -4.263  4.600   1.00 30.38 ? 16 DG  B O6    1 
ATOM   318 N N1    . DG  B 1 4  ? 3.886   -5.674  5.086   1.00 15.23 ? 16 DG  B N1    1 
ATOM   319 C C2    . DG  B 1 4  ? 3.136   -6.791  4.886   1.00 21.64 ? 16 DG  B C2    1 
ATOM   320 N N2    . DG  B 1 4  ? 2.104   -6.997  5.716   1.00 28.93 ? 16 DG  B N2    1 
ATOM   321 N N3    . DG  B 1 4  ? 3.346   -7.651  3.894   1.00 19.27 ? 16 DG  B N3    1 
ATOM   322 C C4    . DG  B 1 4  ? 4.375   -7.282  3.112   1.00 19.51 ? 16 DG  B C4    1 
ATOM   323 P P     . DA  B 1 5  ? 1.377   -10.816 -1.013  1.00 38.70 ? 17 DA  B P     1 
ATOM   324 O OP1   . DA  B 1 5  ? 0.523   -11.998 -1.271  1.00 39.98 ? 17 DA  B OP1   1 
ATOM   325 O OP2   . DA  B 1 5  ? 1.595   -9.832  -2.120  1.00 41.70 ? 17 DA  B OP2   1 
ATOM   326 O "O5'" . DA  B 1 5  ? 0.812   -10.062 0.263   1.00 35.34 ? 17 DA  B "O5'" 1 
ATOM   327 C "C5'" . DA  B 1 5  ? 0.328   -10.791 1.387   1.00 35.52 ? 17 DA  B "C5'" 1 
ATOM   328 C "C4'" . DA  B 1 5  ? -0.528  -9.926  2.241   1.00 35.24 ? 17 DA  B "C4'" 1 
ATOM   329 O "O4'" . DA  B 1 5  ? 0.211   -8.766  2.672   1.00 34.57 ? 17 DA  B "O4'" 1 
ATOM   330 C "C3'" . DA  B 1 5  ? -1.642  -9.419  1.389   1.00 36.46 ? 17 DA  B "C3'" 1 
ATOM   331 O "O3'" . DA  B 1 5  ? -2.820  -9.165  2.149   1.00 45.48 ? 17 DA  B "O3'" 1 
ATOM   332 C "C2'" . DA  B 1 5  ? -1.085  -8.073  1.000   1.00 35.68 ? 17 DA  B "C2'" 1 
ATOM   333 C "C1'" . DA  B 1 5  ? -0.382  -7.560  2.214   1.00 27.46 ? 17 DA  B "C1'" 1 
ATOM   334 N N9    . DA  B 1 5  ? 0.632   -6.569  1.842   1.00 22.44 ? 17 DA  B N9    1 
ATOM   335 C C8    . DA  B 1 5  ? 1.505   -6.593  0.782   1.00 21.23 ? 17 DA  B C8    1 
ATOM   336 N N7    . DA  B 1 5  ? 2.335   -5.572  0.760   1.00 19.89 ? 17 DA  B N7    1 
ATOM   337 C C5    . DA  B 1 5  ? 1.971   -4.817  1.895   1.00 19.71 ? 17 DA  B C5    1 
ATOM   338 C C6    . DA  B 1 5  ? 2.476   -3.618  2.456   1.00 23.12 ? 17 DA  B C6    1 
ATOM   339 N N6    . DA  B 1 5  ? 3.549   -2.990  1.959   1.00 20.73 ? 17 DA  B N6    1 
ATOM   340 N N1    . DA  B 1 5  ? 1.893   -3.137  3.572   1.00 23.50 ? 17 DA  B N1    1 
ATOM   341 C C2    . DA  B 1 5  ? 0.887   -3.810  4.096   1.00 21.38 ? 17 DA  B C2    1 
ATOM   342 N N3    . DA  B 1 5  ? 0.351   -4.946  3.668   1.00 25.36 ? 17 DA  B N3    1 
ATOM   343 C C4    . DA  B 1 5  ? 0.939   -5.413  2.546   1.00 19.16 ? 17 DA  B C4    1 
ATOM   344 P P     . DA  B 1 6  ? -4.259  -8.964  1.425   1.00 40.73 ? 18 DA  B P     1 
ATOM   345 O OP1   . DA  B 1 6  ? -4.990  -10.246 1.444   1.00 47.48 ? 18 DA  B OP1   1 
ATOM   346 O OP2   . DA  B 1 6  ? -4.104  -8.275  0.119   1.00 45.78 ? 18 DA  B OP2   1 
ATOM   347 O "O5'" . DA  B 1 6  ? -4.783  -7.924  2.500   1.00 32.79 ? 18 DA  B "O5'" 1 
ATOM   348 C "C5'" . DA  B 1 6  ? -3.882  -6.794  2.613   1.00 35.76 ? 18 DA  B "C5'" 1 
ATOM   349 C "C4'" . DA  B 1 6  ? -4.326  -5.763  3.669   1.00 37.25 ? 18 DA  B "C4'" 1 
ATOM   350 O "O4'" . DA  B 1 6  ? -3.356  -4.717  3.929   1.00 31.59 ? 18 DA  B "O4'" 1 
ATOM   351 C "C3'" . DA  B 1 6  ? -5.466  -5.035  2.826   1.00 44.39 ? 18 DA  B "C3'" 1 
ATOM   352 O "O3'" . DA  B 1 6  ? -6.025  -3.768  3.297   1.00 50.10 ? 18 DA  B "O3'" 1 
ATOM   353 C "C2'" . DA  B 1 6  ? -4.619  -4.239  1.943   1.00 39.00 ? 18 DA  B "C2'" 1 
ATOM   354 C "C1'" . DA  B 1 6  ? -3.439  -3.784  2.824   1.00 29.13 ? 18 DA  B "C1'" 1 
ATOM   355 N N9    . DA  B 1 6  ? -2.326  -3.733  1.843   1.00 20.41 ? 18 DA  B N9    1 
ATOM   356 C C8    . DA  B 1 6  ? -2.130  -4.517  0.703   1.00 18.37 ? 18 DA  B C8    1 
ATOM   357 N N7    . DA  B 1 6  ? -1.179  -4.121  -0.062  1.00 18.33 ? 18 DA  B N7    1 
ATOM   358 C C5    . DA  B 1 6  ? -0.668  -2.988  0.597   1.00 20.69 ? 18 DA  B C5    1 
ATOM   359 C C6    . DA  B 1 6  ? 0.410   -2.105  0.267   1.00 20.86 ? 18 DA  B C6    1 
ATOM   360 N N6    . DA  B 1 6  ? 1.332   -2.369  -0.670  1.00 18.96 ? 18 DA  B N6    1 
ATOM   361 N N1    . DA  B 1 6  ? 0.653   -1.081  1.108   1.00 16.83 ? 18 DA  B N1    1 
ATOM   362 C C2    . DA  B 1 6  ? -0.115  -0.956  2.180   1.00 17.68 ? 18 DA  B C2    1 
ATOM   363 N N3    . DA  B 1 6  ? -1.134  -1.728  2.603   1.00 18.46 ? 18 DA  B N3    1 
ATOM   364 C C4    . DA  B 1 6  ? -1.367  -2.738  1.744   1.00 13.84 ? 18 DA  B C4    1 
HETATM 365 P P     . T49 B 1 7  ? -7.611  -3.558  3.254   1.00 42.86 ? 19 T49 B P     1 
HETATM 366 O O1P   . T49 B 1 7  ? -7.992  -4.209  4.525   1.00 38.03 ? 19 T49 B O1P   1 
HETATM 367 O O2P   . T49 B 1 7  ? -8.212  -4.004  1.941   1.00 41.03 ? 19 T49 B O2P   1 
HETATM 368 O "O5'" . T49 B 1 7  ? -7.742  -2.045  3.296   1.00 36.40 ? 19 T49 B "O5'" 1 
HETATM 369 C "C5'" . T49 B 1 7  ? -7.261  -1.394  4.440   1.00 37.58 ? 19 T49 B "C5'" 1 
HETATM 370 C "C4'" . T49 B 1 7  ? -6.369  -0.188  4.103   1.00 42.69 ? 19 T49 B "C4'" 1 
HETATM 371 C "C3'" . T49 B 1 7  ? -7.034  0.672   3.070   1.00 41.64 ? 19 T49 B "C3'" 1 
HETATM 372 O "O3'" . T49 B 1 7  ? -6.774  2.013   3.414   1.00 44.32 ? 19 T49 B "O3'" 1 
HETATM 373 C "C2'" . T49 B 1 7  ? -6.624  0.300   1.654   1.00 39.67 ? 19 T49 B "C2'" 1 
HETATM 374 C "C1'" . T49 B 1 7  ? -5.198  -0.039  1.797   1.00 34.59 ? 19 T49 B "C1'" 1 
HETATM 375 N N1    . T49 B 1 7  ? -4.221  -0.149  0.772   1.00 29.80 ? 19 T49 B N1    1 
HETATM 376 C C2    . T49 B 1 7  ? -3.186  0.767   0.679   1.00 23.72 ? 19 T49 B C2    1 
HETATM 377 O O2    . T49 B 1 7  ? -2.962  1.681   1.479   1.00 24.43 ? 19 T49 B O2    1 
HETATM 378 N N3    . T49 B 1 7  ? -2.328  0.530   -0.352  1.00 16.18 ? 19 T49 B N3    1 
HETATM 379 C C4    . T49 B 1 7  ? -2.409  -0.493  -1.242  1.00 19.45 ? 19 T49 B C4    1 
HETATM 380 O O4    . T49 B 1 7  ? -1.541  -0.579  -2.099  1.00 23.34 ? 19 T49 B O4    1 
HETATM 381 C C5    . T49 B 1 7  ? -3.520  -1.383  -1.056  1.00 25.91 ? 19 T49 B C5    1 
HETATM 382 C C5M   . T49 B 1 7  ? -3.717  -2.634  -1.940  1.00 29.68 ? 19 T49 B C5M   1 
HETATM 383 C C6    . T49 B 1 7  ? -4.371  -1.183  -0.072  1.00 29.77 ? 19 T49 B C6    1 
HETATM 384 S S     . T49 B 1 7  ? -4.685  -0.507  3.430   1.00 43.88 ? 19 T49 B S     1 
HETATM 385 P P     . T49 B 1 8  ? -8.169  2.813   3.619   1.00 56.06 ? 20 T49 B P     1 
HETATM 386 O O1P   . T49 B 1 8  ? -8.390  2.968   5.089   1.00 53.21 ? 20 T49 B O1P   1 
HETATM 387 O O2P   . T49 B 1 8  ? -9.269  2.252   2.780   1.00 51.26 ? 20 T49 B O2P   1 
HETATM 388 O "O5'" . T49 B 1 8  ? -7.825  4.255   3.009   1.00 50.23 ? 20 T49 B "O5'" 1 
HETATM 389 C "C5'" . T49 B 1 8  ? -7.008  5.062   3.848   1.00 46.20 ? 20 T49 B "C5'" 1 
HETATM 390 C "C4'" . T49 B 1 8  ? -5.788  5.660   3.173   1.00 40.95 ? 20 T49 B "C4'" 1 
HETATM 391 C "C3'" . T49 B 1 8  ? -6.131  6.704   2.144   1.00 42.92 ? 20 T49 B "C3'" 1 
HETATM 392 O "O3'" . T49 B 1 8  ? -5.234  7.747   2.444   1.00 45.86 ? 20 T49 B "O3'" 1 
HETATM 393 C "C2'" . T49 B 1 8  ? -6.049  6.215   0.704   1.00 40.27 ? 20 T49 B "C2'" 1 
HETATM 394 C "C1'" . T49 B 1 8  ? -5.118  5.066   0.707   1.00 34.41 ? 20 T49 B "C1'" 1 
HETATM 395 N N1    . T49 B 1 8  ? -4.730  4.246   -0.400  1.00 32.41 ? 20 T49 B N1    1 
HETATM 396 C C2    . T49 B 1 8  ? -3.511  4.434   -1.031  1.00 29.97 ? 20 T49 B C2    1 
HETATM 397 O O2    . T49 B 1 8  ? -2.673  5.270   -0.685  1.00 31.49 ? 20 T49 B O2    1 
HETATM 398 N N3    . T49 B 1 8  ? -3.271  3.534   -2.053  1.00 28.09 ? 20 T49 B N3    1 
HETATM 399 C C4    . T49 B 1 8  ? -4.112  2.503   -2.458  1.00 28.29 ? 20 T49 B C4    1 
HETATM 400 O O4    . T49 B 1 8  ? -3.775  1.761   -3.378  1.00 34.90 ? 20 T49 B O4    1 
HETATM 401 C C5    . T49 B 1 8  ? -5.339  2.403   -1.728  1.00 26.87 ? 20 T49 B C5    1 
HETATM 402 C C5M   . T49 B 1 8  ? -6.361  1.327   -2.060  1.00 25.75 ? 20 T49 B C5M   1 
HETATM 403 C C6    . T49 B 1 8  ? -5.601  3.260   -0.752  1.00 30.01 ? 20 T49 B C6    1 
HETATM 404 S S     . T49 B 1 8  ? -4.731  4.456   2.320   1.00 38.04 ? 20 T49 B S     1 
ATOM   405 P P     . DC  B 1 9  ? -5.422  9.234   1.917   1.00 49.79 ? 21 DC  B P     1 
ATOM   406 O OP1   . DC  B 1 9  ? -4.823  10.060  2.992   1.00 48.42 ? 21 DC  B OP1   1 
ATOM   407 O OP2   . DC  B 1 9  ? -6.818  9.430   1.454   1.00 51.98 ? 21 DC  B OP2   1 
ATOM   408 O "O5'" . DC  B 1 9  ? -4.530  9.279   0.600   1.00 45.32 ? 21 DC  B "O5'" 1 
ATOM   409 C "C5'" . DC  B 1 9  ? -3.150  9.492   0.788   1.00 40.64 ? 21 DC  B "C5'" 1 
ATOM   410 C "C4'" . DC  B 1 9  ? -2.545  9.888   -0.495  1.00 37.07 ? 21 DC  B "C4'" 1 
ATOM   411 O "O4'" . DC  B 1 9  ? -2.668  8.813   -1.399  1.00 33.36 ? 21 DC  B "O4'" 1 
ATOM   412 C "C3'" . DC  B 1 9  ? -3.294  11.056  -1.063  1.00 36.26 ? 21 DC  B "C3'" 1 
ATOM   413 O "O3'" . DC  B 1 9  ? -2.344  12.082  -1.324  1.00 45.98 ? 21 DC  B "O3'" 1 
ATOM   414 C "C2'" . DC  B 1 9  ? -3.990  10.454  -2.251  1.00 32.08 ? 21 DC  B "C2'" 1 
ATOM   415 C "C1'" . DC  B 1 9  ? -3.165  9.265   -2.639  1.00 27.21 ? 21 DC  B "C1'" 1 
ATOM   416 N N1    . DC  B 1 9  ? -3.879  8.109   -3.158  1.00 23.61 ? 21 DC  B N1    1 
ATOM   417 C C2    . DC  B 1 9  ? -3.242  7.360   -4.121  1.00 26.56 ? 21 DC  B C2    1 
ATOM   418 O O2    . DC  B 1 9  ? -2.142  7.649   -4.587  1.00 33.60 ? 21 DC  B O2    1 
ATOM   419 N N3    . DC  B 1 9  ? -3.824  6.224   -4.560  1.00 28.47 ? 21 DC  B N3    1 
ATOM   420 C C4    . DC  B 1 9  ? -4.981  5.817   -4.069  1.00 27.44 ? 21 DC  B C4    1 
ATOM   421 N N4    . DC  B 1 9  ? -5.443  4.654   -4.548  1.00 27.25 ? 21 DC  B N4    1 
ATOM   422 C C5    . DC  B 1 9  ? -5.667  6.584   -3.076  1.00 24.64 ? 21 DC  B C5    1 
ATOM   423 C C6    . DC  B 1 9  ? -5.077  7.721   -2.654  1.00 25.19 ? 21 DC  B C6    1 
ATOM   424 P P     . DG  B 1 10 ? -2.780  13.596  -1.691  1.00 54.19 ? 22 DG  B P     1 
ATOM   425 O OP1   . DG  B 1 10 ? -1.716  14.536  -1.240  1.00 57.02 ? 22 DG  B OP1   1 
ATOM   426 O OP2   . DG  B 1 10 ? -4.187  13.863  -1.324  1.00 53.81 ? 22 DG  B OP2   1 
ATOM   427 O "O5'" . DG  B 1 10 ? -2.675  13.452  -3.278  1.00 51.50 ? 22 DG  B "O5'" 1 
ATOM   428 C "C5'" . DG  B 1 10 ? -1.455  13.262  -3.999  1.00 43.36 ? 22 DG  B "C5'" 1 
ATOM   429 C "C4'" . DG  B 1 10 ? -1.682  13.163  -5.517  1.00 37.76 ? 22 DG  B "C4'" 1 
ATOM   430 O "O4'" . DG  B 1 10 ? -2.164  11.890  -6.006  1.00 35.30 ? 22 DG  B "O4'" 1 
ATOM   431 C "C3'" . DG  B 1 10 ? -2.725  14.191  -5.941  1.00 38.02 ? 22 DG  B "C3'" 1 
ATOM   432 O "O3'" . DG  B 1 10 ? -2.475  14.422  -7.293  1.00 45.67 ? 22 DG  B "O3'" 1 
ATOM   433 C "C2'" . DG  B 1 10 ? -4.006  13.392  -5.919  1.00 31.42 ? 22 DG  B "C2'" 1 
ATOM   434 C "C1'" . DG  B 1 10 ? -3.506  12.079  -6.460  1.00 29.05 ? 22 DG  B "C1'" 1 
ATOM   435 N N9    . DG  B 1 10 ? -4.432  10.976  -6.225  1.00 23.74 ? 22 DG  B N9    1 
ATOM   436 C C8    . DG  B 1 10 ? -5.473  10.887  -5.323  1.00 26.38 ? 22 DG  B C8    1 
ATOM   437 N N7    . DG  B 1 10 ? -6.119  9.741   -5.379  1.00 27.81 ? 22 DG  B N7    1 
ATOM   438 C C5    . DG  B 1 10 ? -5.453  9.041   -6.391  1.00 18.77 ? 22 DG  B C5    1 
ATOM   439 C C6    . DG  B 1 10 ? -5.678  7.760   -6.862  1.00 18.19 ? 22 DG  B C6    1 
ATOM   440 O O6    . DG  B 1 10 ? -6.526  6.939   -6.522  1.00 20.99 ? 22 DG  B O6    1 
ATOM   441 N N1    . DG  B 1 10 ? -4.771  7.449   -7.851  1.00 17.18 ? 22 DG  B N1    1 
ATOM   442 C C2    . DG  B 1 10 ? -3.778  8.250   -8.315  1.00 11.96 ? 22 DG  B C2    1 
ATOM   443 N N2    . DG  B 1 10 ? -2.981  7.750   -9.270  1.00 15.28 ? 22 DG  B N2    1 
ATOM   444 N N3    . DG  B 1 10 ? -3.568  9.465   -7.882  1.00 11.69 ? 22 DG  B N3    1 
ATOM   445 C C4    . DG  B 1 10 ? -4.416  9.780   -6.900  1.00 16.55 ? 22 DG  B C4    1 
ATOM   446 P P     . DC  B 1 11 ? -2.093  15.813  -7.904  1.00 44.96 ? 23 DC  B P     1 
ATOM   447 O OP1   . DC  B 1 11 ? -0.825  16.247  -7.266  1.00 49.29 ? 23 DC  B OP1   1 
ATOM   448 O OP2   . DC  B 1 11 ? -3.324  16.633  -7.893  1.00 44.29 ? 23 DC  B OP2   1 
ATOM   449 O "O5'" . DC  B 1 11 ? -1.793  15.203  -9.365  1.00 42.56 ? 23 DC  B "O5'" 1 
ATOM   450 C "C5'" . DC  B 1 11 ? -0.809  14.135  -9.445  1.00 41.67 ? 23 DC  B "C5'" 1 
ATOM   451 C "C4'" . DC  B 1 11 ? -0.833  13.236  -10.701 1.00 39.73 ? 23 DC  B "C4'" 1 
ATOM   452 O "O4'" . DC  B 1 11 ? -1.673  12.108  -10.522 1.00 35.08 ? 23 DC  B "O4'" 1 
ATOM   453 C "C3'" . DC  B 1 11 ? -1.387  14.078  -11.806 1.00 40.65 ? 23 DC  B "C3'" 1 
ATOM   454 O "O3'" . DC  B 1 11 ? -0.760  14.131  -13.104 1.00 46.97 ? 23 DC  B "O3'" 1 
ATOM   455 C "C2'" . DC  B 1 11 ? -2.810  13.667  -11.771 1.00 36.58 ? 23 DC  B "C2'" 1 
ATOM   456 C "C1'" . DC  B 1 11 ? -2.843  12.268  -11.318 1.00 31.47 ? 23 DC  B "C1'" 1 
ATOM   457 N N1    . DC  B 1 11 ? -4.094  11.997  -10.564 1.00 26.75 ? 23 DC  B N1    1 
ATOM   458 C C2    . DC  B 1 11 ? -4.656  10.779  -10.740 1.00 25.38 ? 23 DC  B C2    1 
ATOM   459 O O2    . DC  B 1 11 ? -4.259  9.978   -11.587 1.00 25.57 ? 23 DC  B O2    1 
ATOM   460 N N3    . DC  B 1 11 ? -5.794  10.494  -10.050 1.00 28.53 ? 23 DC  B N3    1 
ATOM   461 C C4    . DC  B 1 11 ? -6.412  11.361  -9.225  1.00 26.45 ? 23 DC  B C4    1 
ATOM   462 N N4    . DC  B 1 11 ? -7.566  10.969  -8.635  1.00 24.58 ? 23 DC  B N4    1 
ATOM   463 C C5    . DC  B 1 11 ? -5.835  12.658  -9.033  1.00 25.59 ? 23 DC  B C5    1 
ATOM   464 C C6    . DC  B 1 11 ? -4.690  12.919  -9.713  1.00 29.47 ? 23 DC  B C6    1 
ATOM   465 P P     . DG  B 1 12 ? -1.301  15.273  -14.214 1.00 52.51 ? 24 DG  B P     1 
ATOM   466 O OP1   . DG  B 1 12 ? -0.112  15.901  -14.832 1.00 55.82 ? 24 DG  B OP1   1 
ATOM   467 O OP2   . DG  B 1 12 ? -2.436  16.119  -13.699 1.00 43.61 ? 24 DG  B OP2   1 
ATOM   468 O "O5'" . DG  B 1 12 ? -1.928  14.416  -15.390 1.00 49.40 ? 24 DG  B "O5'" 1 
ATOM   469 C "C5'" . DG  B 1 12 ? -1.234  13.334  -15.981 1.00 41.76 ? 24 DG  B "C5'" 1 
ATOM   470 C "C4'" . DG  B 1 12 ? -2.280  12.271  -16.281 1.00 38.50 ? 24 DG  B "C4'" 1 
ATOM   471 O "O4'" . DG  B 1 12 ? -2.913  11.765  -15.090 1.00 31.71 ? 24 DG  B "O4'" 1 
ATOM   472 C "C3'" . DG  B 1 12 ? -3.419  12.860  -17.135 1.00 35.28 ? 24 DG  B "C3'" 1 
ATOM   473 O "O3'" . DG  B 1 12 ? -3.066  13.103  -18.509 1.00 36.94 ? 24 DG  B "O3'" 1 
ATOM   474 C "C2'" . DG  B 1 12 ? -4.441  11.783  -16.927 1.00 34.14 ? 24 DG  B "C2'" 1 
ATOM   475 C "C1'" . DG  B 1 12 ? -4.250  11.386  -15.466 1.00 26.66 ? 24 DG  B "C1'" 1 
ATOM   476 N N9    . DG  B 1 12 ? -5.273  11.941  -14.554 1.00 18.68 ? 24 DG  B N9    1 
ATOM   477 C C8    . DG  B 1 12 ? -5.330  13.162  -13.930 1.00 20.95 ? 24 DG  B C8    1 
ATOM   478 N N7    . DG  B 1 12 ? -6.336  13.293  -13.100 1.00 22.23 ? 24 DG  B N7    1 
ATOM   479 C C5    . DG  B 1 12 ? -6.985  12.065  -13.204 1.00 16.17 ? 24 DG  B C5    1 
ATOM   480 C C6    . DG  B 1 12 ? -8.145  11.605  -12.557 1.00 17.71 ? 24 DG  B C6    1 
ATOM   481 O O6    . DG  B 1 12 ? -8.848  12.192  -11.739 1.00 22.68 ? 24 DG  B O6    1 
ATOM   482 N N1    . DG  B 1 12 ? -8.465  10.329  -12.934 1.00 14.10 ? 24 DG  B N1    1 
ATOM   483 C C2    . DG  B 1 12 ? -7.761  9.614   -13.836 1.00 14.58 ? 24 DG  B C2    1 
ATOM   484 N N2    . DG  B 1 12 ? -8.251  8.459   -14.209 1.00 18.74 ? 24 DG  B N2    1 
ATOM   485 N N3    . DG  B 1 12 ? -6.664  10.025  -14.443 1.00 13.61 ? 24 DG  B N3    1 
ATOM   486 C C4    . DG  B 1 12 ? -6.341  11.258  -14.080 1.00 13.75 ? 24 DG  B C4    1 
HETATM 487 O O     . HOH C 2 .  ? 8.125   -3.413  11.082  1.00 59.66 ? 25 HOH A O     1 
HETATM 488 O O     . HOH C 2 .  ? 8.625   4.347   -1.212  1.00 29.58 ? 28 HOH A O     1 
HETATM 489 O O     . HOH C 2 .  ? -10.522 1.452   -8.422  1.00 72.61 ? 30 HOH A O     1 
HETATM 490 O O     . HOH C 2 .  ? -5.004  1.172   -5.796  1.00 39.77 ? 32 HOH A O     1 
HETATM 491 O O     . HOH C 2 .  ? 0.870   -0.682  -7.151  1.00 41.88 ? 33 HOH A O     1 
HETATM 492 O O     . HOH C 2 .  ? 5.194   -0.202  -6.772  1.00 78.08 ? 34 HOH A O     1 
HETATM 493 O O     . HOH C 2 .  ? 1.611   10.265  1.851   1.00 43.99 ? 37 HOH A O     1 
HETATM 494 O O     . HOH C 2 .  ? 0.121   -17.104 11.370  1.00 47.90 ? 42 HOH A O     1 
HETATM 495 O O     . HOH C 2 .  ? -1.734  -19.114 13.301  1.00 55.99 ? 43 HOH A O     1 
HETATM 496 O O     . HOH C 2 .  ? -6.713  -0.845  -8.980  1.00 68.42 ? 44 HOH A O     1 
HETATM 497 O O     . HOH C 2 .  ? -1.723  -5.886  6.089   1.00 43.59 ? 46 HOH A O     1 
HETATM 498 O O     . HOH C 2 .  ? -1.807  -1.380  6.114   1.00 52.27 ? 47 HOH A O     1 
HETATM 499 O O     . HOH C 2 .  ? -10.753 5.348   -7.178  1.00 47.37 ? 48 HOH A O     1 
HETATM 500 O O     . HOH C 2 .  ? 7.665   4.378   1.760   1.00 42.08 ? 49 HOH A O     1 
HETATM 501 O O     . HOH C 2 .  ? -3.876  -0.751  -8.040  1.00 51.58 ? 50 HOH A O     1 
HETATM 502 O O     . HOH C 2 .  ? -0.229  -9.094  6.635   1.00 65.38 ? 51 HOH A O     1 
HETATM 503 O O     . HOH C 2 .  ? -16.891 9.612   -10.651 1.00 31.46 ? 52 HOH A O     1 
HETATM 504 O O     . HOH C 2 .  ? -2.191  -4.506  -12.556 1.00 74.63 ? 54 HOH A O     1 
HETATM 505 O O     . HOH C 2 .  ? 1.379   8.123   -2.635  1.00 56.49 ? 55 HOH A O     1 
HETATM 506 O O     . HOH C 2 .  ? 8.545   3.708   -7.197  1.00 40.29 ? 62 HOH A O     1 
HETATM 507 O O     . HOH C 2 .  ? 4.272   10.723  -5.650  1.00 80.79 ? 63 HOH A O     1 
HETATM 508 O O     . HOH C 2 .  ? 3.767   -0.545  -3.761  1.00 61.12 ? 67 HOH A O     1 
HETATM 509 O O     . HOH C 2 .  ? -10.875 7.382   -5.925  1.00 29.10 ? 68 HOH A O     1 
HETATM 510 O O     . HOH C 2 .  ? -2.037  -17.727 3.836   1.00 89.06 ? 73 HOH A O     1 
HETATM 511 O O     . HOH C 2 .  ? 6.272   -6.110  15.961  1.00 56.67 ? 76 HOH A O     1 
HETATM 512 O O     . HOH C 2 .  ? 7.093   -1.302  1.803   1.00 53.73 ? 77 HOH A O     1 
HETATM 513 O O     . HOH C 2 .  ? 0.175   -11.144 14.779  1.00 47.78 ? 78 HOH A O     1 
HETATM 514 O O     . HOH C 2 .  ? 0.193   9.564   -5.654  1.00 66.77 ? 84 HOH A O     1 
HETATM 515 O O     . HOH C 2 .  ? -3.438  2.891   9.897   1.00 88.63 ? 85 HOH A O     1 
HETATM 516 O O     . HOH C 2 .  ? 2.429   10.662  -0.500  1.00 94.54 ? 87 HOH A O     1 
HETATM 517 O O     . HOH C 2 .  ? 1.348   -3.092  14.426  1.00 75.06 ? 88 HOH A O     1 
HETATM 518 O O     . HOH C 2 .  ? -17.495 2.011   -14.063 1.00 93.55 ? 90 HOH A O     1 
HETATM 519 O O     . HOH C 2 .  ? 4.559   -4.032  14.045  1.00 74.75 ? 91 HOH A O     1 
HETATM 520 O O     . HOH D 2 .  ? 8.125   -3.236  3.370   1.00 45.24 ? 26 HOH B O     1 
HETATM 521 O O     . HOH D 2 .  ? 7.734   -4.428  -0.707  1.00 95.03 ? 27 HOH B O     1 
HETATM 522 O O     . HOH D 2 .  ? -10.208 6.162   0.837   1.00 81.70 ? 29 HOH B O     1 
HETATM 523 O O     . HOH D 2 .  ? -8.437  4.295   -3.722  1.00 32.24 ? 31 HOH B O     1 
HETATM 524 O O     . HOH D 2 .  ? -5.818  2.584   7.072   1.00 58.07 ? 35 HOH B O     1 
HETATM 525 O O     . HOH D 2 .  ? -0.075  7.036   0.068   1.00 45.56 ? 36 HOH B O     1 
HETATM 526 O O     . HOH D 2 .  ? -1.296  6.743   4.350   1.00 43.57 ? 38 HOH B O     1 
HETATM 527 O O     . HOH D 2 .  ? -1.813  2.619   3.729   1.00 41.98 ? 39 HOH B O     1 
HETATM 528 O O     . HOH D 2 .  ? -4.299  13.729  2.040   1.00 49.21 ? 40 HOH B O     1 
HETATM 529 O O     . HOH D 2 .  ? 0.873   17.821  0.646   1.00 88.11 ? 41 HOH B O     1 
HETATM 530 O O     . HOH D 2 .  ? -8.697  9.625   -3.309  1.00 48.86 ? 45 HOH B O     1 
HETATM 531 O O     . HOH D 2 .  ? -4.728  -13.123 2.958   1.00 48.32 ? 53 HOH B O     1 
HETATM 532 O O     . HOH D 2 .  ? -7.366  -2.806  -0.706  1.00 57.38 ? 56 HOH B O     1 
HETATM 533 O O     . HOH D 2 .  ? -4.013  10.707  5.411   1.00 67.89 ? 57 HOH B O     1 
HETATM 534 O O     . HOH D 2 .  ? -9.798  0.053   -0.067  1.00 38.85 ? 58 HOH B O     1 
HETATM 535 O O     . HOH D 2 .  ? 6.205   -6.083  12.510  1.00 74.71 ? 59 HOH B O     1 
HETATM 536 O O     . HOH D 2 .  ? -5.858  16.043  -11.725 1.00 76.11 ? 60 HOH B O     1 
HETATM 537 O O     . HOH D 2 .  ? 16.713  -7.757  6.489   1.00 61.32 ? 61 HOH B O     1 
HETATM 538 O O     . HOH D 2 .  ? 14.973  -11.719 3.073   1.00 43.03 ? 64 HOH B O     1 
HETATM 539 O O     . HOH D 2 .  ? -9.246  3.737   -1.105  1.00 67.42 ? 65 HOH B O     1 
HETATM 540 O O     . HOH D 2 .  ? -7.324  -6.871  -0.145  1.00 89.39 ? 66 HOH B O     1 
HETATM 541 O O     . HOH D 2 .  ? 4.407   -8.795  16.778  1.00 80.82 ? 69 HOH B O     1 
HETATM 542 O O     . HOH D 2 .  ? -4.593  -12.520 -0.755  1.00 59.10 ? 70 HOH B O     1 
HETATM 543 O O     . HOH D 2 .  ? 1.669   12.735  -3.723  1.00 62.33 ? 71 HOH B O     1 
HETATM 544 O O     . HOH D 2 .  ? -2.735  3.657   6.040   1.00 64.55 ? 72 HOH B O     1 
HETATM 545 O O     . HOH D 2 .  ? -12.406 2.911   4.045   1.00 80.72 ? 74 HOH B O     1 
HETATM 546 O O     . HOH D 2 .  ? -2.654  -12.537 5.067   1.00 55.51 ? 75 HOH B O     1 
HETATM 547 O O     . HOH D 2 .  ? 20.096  -5.687  8.027   1.00 71.36 ? 79 HOH B O     1 
HETATM 548 O O     . HOH D 2 .  ? 9.036   1.908   7.072   1.00 68.22 ? 80 HOH B O     1 
HETATM 549 O O     . HOH D 2 .  ? -6.534  13.732  -2.872  1.00 72.58 ? 81 HOH B O     1 
HETATM 550 O O     . HOH D 2 .  ? 9.227   -0.674  5.479   1.00 82.20 ? 82 HOH B O     1 
HETATM 551 O O     . HOH D 2 .  ? -0.180  -4.595  -2.564  1.00 60.81 ? 83 HOH B O     1 
HETATM 552 O O     . HOH D 2 .  ? 9.649   -9.677  -4.396  1.00 80.03 ? 86 HOH B O     1 
HETATM 553 O O     . HOH D 2 .  ? -6.083  16.121  -6.101  1.00 77.91 ? 89 HOH B O     1 
# 
